data_8TXY
#
_entry.id   8TXY
#
_cell.length_a   121.43
_cell.length_b   121.43
_cell.length_c   99.64
_cell.angle_alpha   90
_cell.angle_beta   90
_cell.angle_gamma   120
#
_symmetry.space_group_name_H-M   'P 61'
#
loop_
_entity.id
_entity.type
_entity.pdbx_description
1 polymer 'Serine/threonine-protein kinase MARK2'
2 non-polymer DI(HYDROXYETHYL)ETHER
3 non-polymer N-[(5P,8R)-5-(2-cyano-5-{[(3R)-1-methylpyrrolidin-3-yl]methoxy}pyridin-4-yl)pyrazolo[1,5-a]pyridin-2-yl]cyclopropanecarboxamide
4 non-polymer 'SULFATE ION'
5 water water
#
_entity_poly.entity_id   1
_entity_poly.type   'polypeptide(L)'
_entity_poly.pdbx_seq_one_letter_code
;QPHIGNYRLLKTLGKGNFAVVKLARHILTGKEVAIKIIDKTQLNSSSLQKIFREVRIMKVLNHPNIIKLFEVIETEKTLY
LVTEYAKNGEVFDYLVAHGRMKEKEARAKFRQIVSAVQYCHQKFIVHRDLKAENLLLDADMNIKIADFGFGNEFTFGNKL
DTFCGSPPYAAPELFQGKKYDGPEVDVWSLGVILYTLVSGSLPFDGQNLKELRERVLRGKYRIPFYMSTDCENLLKKFLI
LNPSKRGTLEQIMKDRWMNVGHEDDELKPYVEPLPDYKDPRRTELMVSMGYTREEIQDSLVGQRYNEVMATYLLLGY
;
_entity_poly.pdbx_strand_id   A,B
#
loop_
_chem_comp.id
_chem_comp.type
_chem_comp.name
_chem_comp.formula
PEG non-polymer DI(HYDROXYETHYL)ETHER 'C4 H10 O3'
SJ0 non-polymer N-[(5P,8R)-5-(2-cyano-5-{[(3R)-1-methylpyrrolidin-3-yl]methoxy}pyridin-4-yl)pyrazolo[1,5-a]pyridin-2-yl]cyclopropanecarboxamide 'C23 H24 N6 O2'
SO4 non-polymer 'SULFATE ION' 'O4 S -2'
#
# COMPACT_ATOMS: atom_id res chain seq x y z
N PRO A 2 -9.16 -26.80 -18.20
CA PRO A 2 -9.28 -25.34 -18.19
C PRO A 2 -10.71 -25.06 -18.65
N HIS A 3 -11.69 -25.37 -17.79
CA HIS A 3 -13.08 -25.30 -18.20
C HIS A 3 -14.11 -25.05 -17.10
N ILE A 4 -14.88 -23.96 -17.23
CA ILE A 4 -15.98 -23.66 -16.31
C ILE A 4 -17.19 -23.22 -17.13
N GLY A 5 -18.29 -23.95 -17.03
CA GLY A 5 -19.48 -23.68 -17.83
C GLY A 5 -19.21 -23.60 -19.32
N ASN A 6 -19.58 -22.47 -19.95
CA ASN A 6 -19.32 -22.27 -21.38
C ASN A 6 -17.99 -21.55 -21.64
N TYR A 7 -17.05 -21.58 -20.69
CA TYR A 7 -15.82 -20.82 -20.81
C TYR A 7 -14.57 -21.67 -20.76
N ARG A 8 -13.63 -21.34 -21.61
CA ARG A 8 -12.35 -21.98 -21.68
C ARG A 8 -11.34 -21.10 -20.92
N LEU A 9 -10.88 -21.55 -19.74
CA LEU A 9 -9.94 -20.81 -18.92
C LEU A 9 -8.62 -20.64 -19.67
N LEU A 10 -8.19 -19.39 -19.85
CA LEU A 10 -7.01 -19.07 -20.65
C LEU A 10 -5.74 -18.72 -19.88
N LYS A 11 -5.76 -17.72 -19.00
CA LYS A 11 -4.56 -17.33 -18.24
C LYS A 11 -4.94 -16.57 -16.96
N THR A 12 -4.02 -16.43 -16.02
CA THR A 12 -4.31 -15.73 -14.78
C THR A 12 -4.02 -14.24 -14.89
N LEU A 13 -5.02 -13.40 -14.62
CA LEU A 13 -4.87 -11.95 -14.66
C LEU A 13 -4.55 -11.34 -13.28
N GLY A 14 -4.67 -12.13 -12.21
CA GLY A 14 -4.43 -11.72 -10.84
C GLY A 14 -4.71 -12.86 -9.88
N LYS A 15 -3.99 -12.88 -8.75
CA LYS A 15 -4.14 -13.94 -7.77
C LYS A 15 -4.19 -13.40 -6.34
N GLY A 16 -4.72 -14.21 -5.43
CA GLY A 16 -4.86 -13.91 -4.00
C GLY A 16 -5.14 -15.16 -3.18
N ASN A 17 -5.48 -14.98 -1.91
CA ASN A 17 -5.83 -16.13 -1.06
C ASN A 17 -7.34 -16.45 -1.07
N PHE A 18 -8.14 -15.41 -1.38
CA PHE A 18 -9.59 -15.23 -1.43
C PHE A 18 -10.20 -15.43 -2.86
N ALA A 19 -9.51 -14.93 -3.89
CA ALA A 19 -9.99 -14.94 -5.26
C ALA A 19 -8.87 -14.96 -6.32
N VAL A 20 -9.17 -15.62 -7.45
CA VAL A 20 -8.27 -15.74 -8.60
C VAL A 20 -9.03 -15.21 -9.80
N VAL A 21 -8.55 -14.12 -10.46
CA VAL A 21 -9.20 -13.59 -11.66
C VAL A 21 -8.52 -14.19 -12.89
N LYS A 22 -9.26 -14.92 -13.74
CA LYS A 22 -8.70 -15.49 -14.95
C LYS A 22 -9.25 -14.89 -16.25
N LEU A 23 -8.44 -14.85 -17.30
CA LEU A 23 -8.87 -14.49 -18.64
C LEU A 23 -9.49 -15.79 -19.21
N ALA A 24 -10.60 -15.68 -19.94
CA ALA A 24 -11.29 -16.85 -20.48
C ALA A 24 -11.96 -16.54 -21.82
N ARG A 25 -12.27 -17.56 -22.61
CA ARG A 25 -12.97 -17.38 -23.85
C ARG A 25 -14.34 -18.04 -23.74
N HIS A 26 -15.40 -17.30 -24.05
CA HIS A 26 -16.75 -17.85 -24.08
C HIS A 26 -16.80 -18.67 -25.34
N ILE A 27 -16.91 -19.98 -25.20
CA ILE A 27 -16.85 -20.89 -26.34
C ILE A 27 -17.89 -20.59 -27.41
N LEU A 28 -19.15 -20.34 -27.01
CA LEU A 28 -20.21 -20.08 -27.98
C LEU A 28 -20.01 -18.85 -28.86
N THR A 29 -19.54 -17.75 -28.29
CA THR A 29 -19.37 -16.50 -29.03
C THR A 29 -17.95 -16.18 -29.49
N GLY A 30 -16.96 -16.81 -28.85
CA GLY A 30 -15.55 -16.52 -29.11
C GLY A 30 -15.01 -15.30 -28.40
N LYS A 31 -15.83 -14.62 -27.56
CA LYS A 31 -15.36 -13.41 -26.87
C LYS A 31 -14.56 -13.69 -25.63
N GLU A 32 -13.58 -12.85 -25.35
CA GLU A 32 -12.78 -12.96 -24.14
C GLU A 32 -13.50 -12.22 -23.01
N VAL A 33 -13.49 -12.82 -21.84
CA VAL A 33 -14.09 -12.29 -20.63
C VAL A 33 -13.09 -12.46 -19.46
N ALA A 34 -13.34 -11.79 -18.33
CA ALA A 34 -12.55 -12.03 -17.12
C ALA A 34 -13.47 -12.78 -16.16
N ILE A 35 -12.93 -13.77 -15.44
CA ILE A 35 -13.71 -14.55 -14.52
C ILE A 35 -13.09 -14.51 -13.15
N LYS A 36 -13.80 -13.96 -12.19
CA LYS A 36 -13.37 -13.92 -10.81
C LYS A 36 -13.89 -15.20 -10.17
N ILE A 37 -12.96 -16.03 -9.68
CA ILE A 37 -13.25 -17.31 -9.04
C ILE A 37 -13.00 -17.13 -7.53
N ILE A 38 -14.08 -17.16 -6.74
CA ILE A 38 -14.03 -16.96 -5.29
C ILE A 38 -14.32 -18.23 -4.50
N ASP A 39 -13.31 -18.72 -3.74
CA ASP A 39 -13.48 -19.90 -2.87
C ASP A 39 -14.18 -19.35 -1.64
N LYS A 40 -15.48 -19.59 -1.52
CA LYS A 40 -16.27 -19.08 -0.41
C LYS A 40 -15.89 -19.72 0.94
N THR A 41 -15.31 -20.94 0.94
CA THR A 41 -14.88 -21.58 2.19
C THR A 41 -13.73 -20.83 2.86
N GLN A 42 -12.92 -20.10 2.07
CA GLN A 42 -11.80 -19.33 2.59
C GLN A 42 -12.16 -17.91 3.02
N LEU A 43 -13.44 -17.51 2.92
CA LEU A 43 -13.83 -16.16 3.27
C LEU A 43 -14.10 -15.98 4.74
N ASN A 44 -13.91 -14.76 5.23
CA ASN A 44 -14.20 -14.44 6.62
C ASN A 44 -15.72 -14.18 6.78
N SER A 45 -16.15 -14.11 8.05
CA SER A 45 -17.52 -13.88 8.50
C SER A 45 -18.30 -12.80 7.72
N SER A 46 -17.66 -11.64 7.48
CA SER A 46 -18.28 -10.48 6.82
C SER A 46 -17.95 -10.32 5.34
N SER A 47 -16.93 -11.04 4.85
CA SER A 47 -16.51 -10.92 3.44
C SER A 47 -17.57 -11.39 2.44
N LEU A 48 -18.32 -12.46 2.76
CA LEU A 48 -19.33 -12.95 1.82
C LEU A 48 -20.52 -11.98 1.68
N GLN A 49 -20.86 -11.27 2.76
CA GLN A 49 -21.93 -10.26 2.73
C GLN A 49 -21.55 -9.12 1.77
N LYS A 50 -20.25 -8.75 1.76
CA LYS A 50 -19.70 -7.71 0.90
C LYS A 50 -19.66 -8.17 -0.56
N ILE A 51 -19.26 -9.43 -0.80
CA ILE A 51 -19.24 -9.99 -2.13
C ILE A 51 -20.66 -10.02 -2.72
N PHE A 52 -21.63 -10.47 -1.92
CA PHE A 52 -23.03 -10.51 -2.35
C PHE A 52 -23.60 -9.10 -2.60
N ARG A 53 -23.16 -8.11 -1.81
CA ARG A 53 -23.57 -6.73 -2.01
C ARG A 53 -22.99 -6.21 -3.33
N GLU A 54 -21.73 -6.55 -3.64
CA GLU A 54 -21.09 -6.14 -4.90
C GLU A 54 -21.81 -6.74 -6.09
N VAL A 55 -22.17 -8.04 -6.02
CA VAL A 55 -22.90 -8.75 -7.09
C VAL A 55 -24.22 -8.03 -7.37
N ARG A 56 -24.94 -7.68 -6.30
CA ARG A 56 -26.20 -6.94 -6.38
C ARG A 56 -26.04 -5.62 -7.15
N ILE A 57 -24.98 -4.84 -6.82
CA ILE A 57 -24.68 -3.55 -7.46
C ILE A 57 -24.30 -3.78 -8.92
N MET A 58 -23.50 -4.80 -9.21
CA MET A 58 -23.08 -5.07 -10.58
C MET A 58 -24.23 -5.42 -11.52
N LYS A 59 -25.25 -6.08 -10.99
CA LYS A 59 -26.42 -6.47 -11.78
C LYS A 59 -27.21 -5.26 -12.28
N VAL A 60 -27.19 -4.15 -11.53
CA VAL A 60 -27.98 -2.98 -11.87
C VAL A 60 -27.22 -1.95 -12.73
N LEU A 61 -25.87 -1.99 -12.73
CA LEU A 61 -25.06 -1.05 -13.49
C LEU A 61 -24.86 -1.42 -14.94
N ASN A 62 -25.34 -0.58 -15.85
CA ASN A 62 -25.20 -0.81 -17.29
C ASN A 62 -24.75 0.51 -17.96
N HIS A 63 -23.44 0.77 -17.90
CA HIS A 63 -22.81 1.99 -18.43
C HIS A 63 -21.61 1.60 -19.27
N PRO A 64 -21.39 2.22 -20.44
CA PRO A 64 -20.25 1.84 -21.29
C PRO A 64 -18.84 2.02 -20.65
N ASN A 65 -18.76 2.76 -19.55
CA ASN A 65 -17.51 2.98 -18.85
C ASN A 65 -17.47 2.33 -17.45
N ILE A 66 -18.26 1.28 -17.24
CA ILE A 66 -18.24 0.47 -16.02
C ILE A 66 -18.16 -0.98 -16.52
N ILE A 67 -17.26 -1.80 -15.93
CA ILE A 67 -17.11 -3.22 -16.28
C ILE A 67 -18.48 -3.94 -16.16
N LYS A 68 -18.96 -4.49 -17.28
CA LYS A 68 -20.26 -5.15 -17.31
C LYS A 68 -20.19 -6.61 -16.82
N LEU A 69 -21.13 -7.01 -15.96
CA LEU A 69 -21.26 -8.38 -15.49
C LEU A 69 -22.07 -9.16 -16.55
N PHE A 70 -21.60 -10.35 -16.94
CA PHE A 70 -22.29 -11.18 -17.91
C PHE A 70 -22.96 -12.44 -17.29
N GLU A 71 -22.33 -13.06 -16.29
CA GLU A 71 -22.86 -14.29 -15.71
C GLU A 71 -22.40 -14.50 -14.27
N VAL A 72 -23.25 -15.18 -13.47
CA VAL A 72 -23.00 -15.61 -12.10
C VAL A 72 -23.17 -17.12 -12.10
N ILE A 73 -22.15 -17.85 -11.67
CA ILE A 73 -22.24 -19.28 -11.55
C ILE A 73 -21.99 -19.60 -10.10
N GLU A 74 -22.97 -20.25 -9.45
CA GLU A 74 -22.83 -20.59 -8.04
C GLU A 74 -22.83 -22.05 -7.81
N THR A 75 -21.94 -22.48 -6.94
CA THR A 75 -21.84 -23.82 -6.40
C THR A 75 -21.73 -23.62 -4.87
N GLU A 76 -21.83 -24.73 -4.09
CA GLU A 76 -21.75 -24.61 -2.63
C GLU A 76 -20.46 -23.96 -2.15
N LYS A 77 -19.32 -24.32 -2.75
CA LYS A 77 -18.05 -23.78 -2.33
C LYS A 77 -17.48 -22.65 -3.18
N THR A 78 -17.80 -22.59 -4.49
CA THR A 78 -17.15 -21.60 -5.37
C THR A 78 -18.12 -20.70 -6.13
N LEU A 79 -17.86 -19.37 -6.13
CA LEU A 79 -18.67 -18.38 -6.81
C LEU A 79 -17.89 -17.87 -8.01
N TYR A 80 -18.49 -17.87 -9.21
CA TYR A 80 -17.81 -17.41 -10.43
C TYR A 80 -18.53 -16.19 -10.95
N LEU A 81 -17.79 -15.09 -11.15
CA LEU A 81 -18.40 -13.88 -11.70
C LEU A 81 -17.72 -13.62 -13.02
N VAL A 82 -18.48 -13.71 -14.11
CA VAL A 82 -17.96 -13.50 -15.45
C VAL A 82 -18.22 -12.05 -15.83
N THR A 83 -17.16 -11.29 -16.06
CA THR A 83 -17.30 -9.87 -16.37
C THR A 83 -16.55 -9.49 -17.66
N GLU A 84 -16.67 -8.21 -18.05
CA GLU A 84 -16.01 -7.63 -19.19
C GLU A 84 -14.50 -7.68 -18.96
N TYR A 85 -13.72 -7.91 -20.00
CA TYR A 85 -12.28 -7.92 -19.91
C TYR A 85 -11.74 -6.61 -20.50
N ALA A 86 -10.91 -5.87 -19.75
CA ALA A 86 -10.32 -4.61 -20.19
C ALA A 86 -8.87 -4.89 -20.57
N LYS A 87 -8.63 -5.12 -21.84
CA LYS A 87 -7.34 -5.51 -22.42
C LYS A 87 -6.12 -4.69 -22.02
N ASN A 88 -6.27 -3.36 -21.93
CA ASN A 88 -5.12 -2.49 -21.72
C ASN A 88 -4.77 -2.17 -20.27
N GLY A 89 -5.28 -2.95 -19.34
CA GLY A 89 -4.91 -2.84 -17.93
C GLY A 89 -5.37 -1.59 -17.20
N GLU A 90 -4.69 -1.25 -16.09
CA GLU A 90 -5.05 -0.12 -15.28
C GLU A 90 -4.47 1.20 -15.79
N VAL A 91 -5.22 2.27 -15.56
CA VAL A 91 -4.81 3.65 -15.84
C VAL A 91 -3.54 3.95 -15.03
N PHE A 92 -3.42 3.40 -13.79
CA PHE A 92 -2.25 3.54 -12.92
C PHE A 92 -0.96 3.15 -13.68
N ASP A 93 -0.96 1.96 -14.32
CA ASP A 93 0.20 1.46 -15.04
C ASP A 93 0.46 2.24 -16.32
N TYR A 94 -0.61 2.67 -17.00
CA TYR A 94 -0.47 3.46 -18.22
C TYR A 94 0.21 4.81 -17.89
N LEU A 95 -0.14 5.44 -16.77
CA LEU A 95 0.48 6.69 -16.32
C LEU A 95 1.96 6.47 -15.98
N VAL A 96 2.30 5.35 -15.33
CA VAL A 96 3.68 5.04 -14.99
C VAL A 96 4.49 4.83 -16.28
N ALA A 97 3.90 4.12 -17.26
CA ALA A 97 4.54 3.80 -18.54
C ALA A 97 4.65 4.98 -19.53
N HIS A 98 3.69 5.90 -19.53
CA HIS A 98 3.69 6.99 -20.51
C HIS A 98 3.83 8.38 -19.95
N GLY A 99 3.74 8.52 -18.64
CA GLY A 99 3.79 9.83 -18.00
C GLY A 99 2.43 10.49 -18.02
N ARG A 100 2.40 11.77 -17.68
CA ARG A 100 1.15 12.53 -17.64
C ARG A 100 0.46 12.60 -19.00
N MET A 101 -0.86 12.62 -18.97
CA MET A 101 -1.63 12.77 -20.19
C MET A 101 -1.71 14.27 -20.47
N LYS A 102 -1.73 14.66 -21.75
CA LYS A 102 -2.00 16.05 -22.13
C LYS A 102 -3.46 16.34 -21.72
N GLU A 103 -3.82 17.60 -21.40
CA GLU A 103 -5.17 17.92 -20.92
C GLU A 103 -6.27 17.43 -21.85
N LYS A 104 -6.00 17.38 -23.14
CA LYS A 104 -6.96 16.90 -24.13
C LYS A 104 -7.24 15.38 -23.92
N GLU A 105 -6.18 14.61 -23.67
CA GLU A 105 -6.31 13.16 -23.44
C GLU A 105 -6.93 12.88 -22.06
N ALA A 106 -6.48 13.62 -21.03
CA ALA A 106 -7.04 13.46 -19.69
C ALA A 106 -8.53 13.84 -19.69
N ARG A 107 -8.94 14.84 -20.50
CA ARG A 107 -10.34 15.24 -20.65
C ARG A 107 -11.23 14.12 -21.21
N ALA A 108 -10.75 13.43 -22.25
CA ALA A 108 -11.47 12.32 -22.87
C ALA A 108 -11.75 11.21 -21.80
N LYS A 109 -10.74 10.85 -21.02
CA LYS A 109 -10.85 9.83 -19.97
C LYS A 109 -11.73 10.32 -18.84
N PHE A 110 -11.50 11.56 -18.39
CA PHE A 110 -12.18 12.14 -17.26
C PHE A 110 -13.65 12.35 -17.51
N ARG A 111 -14.06 12.67 -18.75
CA ARG A 111 -15.50 12.80 -19.06
C ARG A 111 -16.18 11.42 -18.87
N GLN A 112 -15.50 10.34 -19.27
CA GLN A 112 -16.02 8.98 -19.10
C GLN A 112 -16.10 8.58 -17.62
N ILE A 113 -15.07 8.91 -16.83
CA ILE A 113 -15.01 8.61 -15.40
C ILE A 113 -16.13 9.34 -14.64
N VAL A 114 -16.27 10.65 -14.88
CA VAL A 114 -17.31 11.47 -14.27
C VAL A 114 -18.72 10.98 -14.67
N SER A 115 -18.94 10.66 -15.95
CA SER A 115 -20.21 10.08 -16.41
C SER A 115 -20.54 8.79 -15.62
N ALA A 116 -19.55 7.85 -15.54
CA ALA A 116 -19.72 6.59 -14.82
C ALA A 116 -20.04 6.78 -13.32
N VAL A 117 -19.26 7.63 -12.62
CA VAL A 117 -19.48 7.85 -11.19
C VAL A 117 -20.78 8.59 -10.93
N GLN A 118 -21.15 9.53 -11.81
CA GLN A 118 -22.40 10.26 -11.65
C GLN A 118 -23.58 9.30 -11.82
N TYR A 119 -23.48 8.34 -12.79
CA TYR A 119 -24.50 7.32 -13.05
C TYR A 119 -24.68 6.41 -11.83
N CYS A 120 -23.59 6.09 -11.10
CA CYS A 120 -23.67 5.32 -9.87
C CYS A 120 -24.44 6.12 -8.83
N HIS A 121 -24.12 7.42 -8.71
CA HIS A 121 -24.78 8.30 -7.75
C HIS A 121 -26.28 8.45 -8.03
N GLN A 122 -26.71 8.36 -9.31
CA GLN A 122 -28.12 8.38 -9.69
C GLN A 122 -28.86 7.22 -9.02
N LYS A 123 -28.20 6.04 -8.92
CA LYS A 123 -28.77 4.84 -8.31
C LYS A 123 -28.35 4.65 -6.85
N PHE A 124 -27.88 5.72 -6.20
CA PHE A 124 -27.49 5.79 -4.79
C PHE A 124 -26.33 4.83 -4.43
N ILE A 125 -25.38 4.66 -5.36
CA ILE A 125 -24.21 3.82 -5.16
C ILE A 125 -22.95 4.68 -4.96
N VAL A 126 -22.30 4.59 -3.81
CA VAL A 126 -21.06 5.33 -3.54
C VAL A 126 -19.88 4.34 -3.58
N HIS A 127 -18.89 4.62 -4.44
CA HIS A 127 -17.75 3.74 -4.62
C HIS A 127 -16.89 3.66 -3.37
N ARG A 128 -16.46 4.82 -2.82
CA ARG A 128 -15.63 4.93 -1.61
C ARG A 128 -14.18 4.46 -1.75
N ASP A 129 -13.79 3.94 -2.93
CA ASP A 129 -12.40 3.49 -3.13
C ASP A 129 -11.94 3.83 -4.54
N LEU A 130 -12.32 5.00 -5.05
CA LEU A 130 -11.93 5.43 -6.38
C LEU A 130 -10.44 5.67 -6.43
N LYS A 131 -9.77 5.14 -7.46
CA LYS A 131 -8.33 5.28 -7.65
C LYS A 131 -7.91 4.83 -9.03
N ALA A 132 -6.73 5.27 -9.50
CA ALA A 132 -6.17 4.92 -10.80
C ALA A 132 -6.05 3.40 -11.01
N GLU A 133 -5.86 2.65 -9.94
CA GLU A 133 -5.77 1.19 -9.90
C GLU A 133 -7.12 0.54 -10.28
N ASN A 134 -8.24 1.22 -9.96
CA ASN A 134 -9.60 0.76 -10.27
C ASN A 134 -10.15 1.24 -11.61
N LEU A 135 -9.38 2.02 -12.35
CA LEU A 135 -9.81 2.52 -13.64
C LEU A 135 -9.07 1.69 -14.65
N LEU A 136 -9.81 0.91 -15.43
CA LEU A 136 -9.19 0.07 -16.44
C LEU A 136 -9.36 0.67 -17.85
N LEU A 137 -8.63 0.13 -18.84
CA LEU A 137 -8.70 0.61 -20.20
C LEU A 137 -8.99 -0.55 -21.15
N ASP A 138 -10.02 -0.41 -22.00
CA ASP A 138 -10.33 -1.47 -22.95
C ASP A 138 -9.39 -1.39 -24.20
N ALA A 139 -9.65 -2.19 -25.24
CA ALA A 139 -8.84 -2.20 -26.48
C ALA A 139 -8.82 -0.86 -27.22
N ASP A 140 -9.90 -0.07 -27.07
CA ASP A 140 -9.96 1.26 -27.68
C ASP A 140 -9.52 2.38 -26.75
N MET A 141 -8.94 2.04 -25.59
CA MET A 141 -8.49 2.98 -24.57
C MET A 141 -9.62 3.72 -23.87
N ASN A 142 -10.81 3.09 -23.81
CA ASN A 142 -11.93 3.67 -23.10
C ASN A 142 -11.85 3.24 -21.64
N ILE A 143 -12.30 4.12 -20.75
CA ILE A 143 -12.34 3.85 -19.33
C ILE A 143 -13.33 2.73 -19.02
N LYS A 144 -12.99 1.85 -18.07
CA LYS A 144 -13.85 0.81 -17.58
C LYS A 144 -13.64 0.78 -16.09
N ILE A 145 -14.53 1.37 -15.30
CA ILE A 145 -14.39 1.35 -13.86
C ILE A 145 -14.66 -0.06 -13.29
N ALA A 146 -13.84 -0.46 -12.31
CA ALA A 146 -13.91 -1.77 -11.65
C ALA A 146 -13.92 -1.67 -10.09
N ASP A 147 -14.17 -2.80 -9.37
CA ASP A 147 -14.15 -2.98 -7.91
C ASP A 147 -15.24 -2.21 -7.15
N PHE A 148 -16.36 -2.86 -6.91
CA PHE A 148 -17.43 -2.28 -6.10
C PHE A 148 -17.66 -3.12 -4.81
N GLY A 149 -16.55 -3.65 -4.26
CA GLY A 149 -16.57 -4.47 -3.05
C GLY A 149 -15.43 -5.46 -2.93
N PHE A 150 -14.80 -5.88 -4.06
CA PHE A 150 -13.73 -6.89 -4.01
C PHE A 150 -12.77 -6.71 -5.20
N THR A 162 -4.92 -4.36 -0.82
CA THR A 162 -6.24 -3.74 -0.73
C THR A 162 -6.14 -2.20 -0.64
N PHE A 163 -5.05 -1.69 -0.04
CA PHE A 163 -4.82 -0.24 0.10
C PHE A 163 -3.41 0.13 -0.37
N CYS A 164 -2.94 -0.46 -1.48
CA CYS A 164 -1.60 -0.18 -1.98
C CYS A 164 -1.40 1.28 -2.47
N GLY A 165 -2.43 1.85 -3.04
CA GLY A 165 -2.42 3.25 -3.45
C GLY A 165 -3.66 3.99 -2.97
N SER A 166 -4.42 3.42 -2.01
CA SER A 166 -5.65 3.97 -1.46
C SER A 166 -5.50 5.19 -0.58
N PRO A 167 -4.54 5.27 0.37
CA PRO A 167 -4.48 6.46 1.26
C PRO A 167 -4.36 7.82 0.52
N PRO A 168 -3.61 8.01 -0.59
CA PRO A 168 -3.60 9.33 -1.25
C PRO A 168 -4.95 9.81 -1.81
N TYR A 169 -5.91 8.91 -2.00
CA TYR A 169 -7.24 9.24 -2.51
C TYR A 169 -8.27 9.53 -1.41
N ALA A 170 -7.93 9.27 -0.14
CA ALA A 170 -8.86 9.45 0.97
C ALA A 170 -9.23 10.90 1.24
N ALA A 171 -10.53 11.16 1.36
CA ALA A 171 -11.06 12.48 1.65
C ALA A 171 -10.72 12.84 3.13
N PRO A 172 -10.57 14.14 3.47
CA PRO A 172 -10.19 14.49 4.85
C PRO A 172 -11.01 13.83 5.98
N GLU A 173 -12.31 13.57 5.75
CA GLU A 173 -13.24 12.92 6.72
C GLU A 173 -12.66 11.64 7.31
N LEU A 174 -11.89 10.88 6.53
CA LEU A 174 -11.31 9.63 7.01
C LEU A 174 -10.37 9.89 8.20
N PHE A 175 -9.56 10.93 8.08
CA PHE A 175 -8.59 11.26 9.12
C PHE A 175 -9.14 12.10 10.28
N GLN A 176 -10.41 12.52 10.19
CA GLN A 176 -11.11 13.32 11.19
C GLN A 176 -12.09 12.51 12.04
N GLY A 177 -12.30 11.23 11.72
CA GLY A 177 -13.25 10.41 12.44
C GLY A 177 -14.70 10.69 12.06
N LYS A 178 -14.92 11.54 11.04
CA LYS A 178 -16.27 11.86 10.59
C LYS A 178 -16.85 10.72 9.73
N LYS A 179 -18.14 10.80 9.34
CA LYS A 179 -18.76 9.76 8.51
C LYS A 179 -18.08 9.72 7.14
N TYR A 180 -18.00 8.53 6.56
CA TYR A 180 -17.36 8.32 5.26
C TYR A 180 -18.35 7.53 4.40
N ASP A 181 -19.56 8.10 4.17
CA ASP A 181 -20.60 7.38 3.45
C ASP A 181 -21.20 8.07 2.23
N GLY A 182 -21.15 9.39 2.18
CA GLY A 182 -21.81 10.13 1.10
C GLY A 182 -21.13 10.16 -0.25
N PRO A 183 -21.88 10.56 -1.28
CA PRO A 183 -21.29 10.72 -2.62
C PRO A 183 -20.16 11.75 -2.67
N GLU A 184 -20.12 12.68 -1.69
CA GLU A 184 -19.10 13.71 -1.60
C GLU A 184 -17.69 13.15 -1.39
N VAL A 185 -17.59 11.91 -0.87
CA VAL A 185 -16.34 11.18 -0.69
C VAL A 185 -15.75 10.89 -2.09
N ASP A 186 -16.61 10.48 -3.05
CA ASP A 186 -16.23 10.19 -4.43
C ASP A 186 -15.84 11.46 -5.18
N VAL A 187 -16.52 12.58 -4.87
CA VAL A 187 -16.22 13.87 -5.47
C VAL A 187 -14.77 14.28 -5.11
N TRP A 188 -14.34 14.04 -3.85
CA TRP A 188 -12.96 14.33 -3.45
C TRP A 188 -11.96 13.44 -4.20
N SER A 189 -12.17 12.12 -4.20
CA SER A 189 -11.27 11.19 -4.88
C SER A 189 -11.18 11.45 -6.38
N LEU A 190 -12.27 11.95 -6.99
CA LEU A 190 -12.29 12.33 -8.41
C LEU A 190 -11.34 13.52 -8.68
N GLY A 191 -11.18 14.41 -7.71
CA GLY A 191 -10.24 15.51 -7.82
C GLY A 191 -8.80 15.00 -7.80
N VAL A 192 -8.54 13.99 -6.95
CA VAL A 192 -7.22 13.36 -6.89
C VAL A 192 -6.95 12.64 -8.20
N ILE A 193 -7.94 11.89 -8.73
CA ILE A 193 -7.84 11.21 -10.03
C ILE A 193 -7.54 12.23 -11.15
N LEU A 194 -8.28 13.35 -11.22
CA LEU A 194 -8.02 14.38 -12.26
C LEU A 194 -6.57 14.88 -12.19
N TYR A 195 -6.11 15.16 -10.96
CA TYR A 195 -4.74 15.59 -10.70
C TYR A 195 -3.68 14.59 -11.24
N THR A 196 -3.84 13.28 -10.96
CA THR A 196 -2.87 12.27 -11.42
C THR A 196 -2.92 12.13 -12.93
N LEU A 197 -4.10 12.24 -13.54
CA LEU A 197 -4.20 12.16 -15.00
C LEU A 197 -3.38 13.22 -15.71
N VAL A 198 -3.43 14.46 -15.21
CA VAL A 198 -2.75 15.57 -15.86
C VAL A 198 -1.30 15.76 -15.39
N SER A 199 -0.90 15.20 -14.24
CA SER A 199 0.47 15.41 -13.72
C SER A 199 1.33 14.17 -13.62
N GLY A 200 0.72 12.99 -13.62
CA GLY A 200 1.44 11.73 -13.41
C GLY A 200 1.85 11.56 -11.95
N SER A 201 1.44 12.47 -11.07
CA SER A 201 1.80 12.42 -9.66
C SER A 201 0.57 12.68 -8.77
N LEU A 202 0.74 12.61 -7.46
CA LEU A 202 -0.37 12.77 -6.52
C LEU A 202 -0.32 14.11 -5.82
N PRO A 203 -1.49 14.72 -5.57
CA PRO A 203 -1.49 16.05 -4.94
C PRO A 203 -1.08 16.02 -3.47
N PHE A 204 -1.41 14.92 -2.76
CA PHE A 204 -1.11 14.72 -1.34
C PHE A 204 -0.27 13.46 -1.18
N ASP A 205 0.95 13.63 -0.70
CA ASP A 205 1.86 12.50 -0.51
C ASP A 205 2.66 12.64 0.82
N GLY A 206 3.51 11.67 1.10
CA GLY A 206 4.35 11.64 2.30
C GLY A 206 5.15 10.36 2.39
N GLN A 207 6.04 10.28 3.38
CA GLN A 207 6.85 9.07 3.58
C GLN A 207 6.05 8.03 4.37
N ASN A 208 5.30 8.48 5.38
CA ASN A 208 4.45 7.65 6.20
C ASN A 208 2.99 8.21 6.21
N LEU A 209 2.07 7.56 6.94
CA LEU A 209 0.68 8.01 7.05
C LEU A 209 0.53 9.33 7.79
N LYS A 210 1.41 9.59 8.76
CA LYS A 210 1.37 10.82 9.53
C LYS A 210 1.60 12.02 8.62
N GLU A 211 2.58 11.90 7.70
CA GLU A 211 2.88 12.96 6.76
C GLU A 211 1.78 13.13 5.73
N LEU A 212 1.21 12.01 5.24
CA LEU A 212 0.11 12.05 4.26
C LEU A 212 -1.09 12.78 4.84
N ARG A 213 -1.51 12.38 6.07
CA ARG A 213 -2.65 12.97 6.77
C ARG A 213 -2.50 14.47 6.96
N GLU A 214 -1.29 14.94 7.31
CA GLU A 214 -1.05 16.38 7.51
C GLU A 214 -1.32 17.13 6.21
N ARG A 215 -0.83 16.59 5.09
CA ARG A 215 -1.03 17.22 3.80
C ARG A 215 -2.49 17.17 3.34
N VAL A 216 -3.19 16.02 3.54
CA VAL A 216 -4.61 15.89 3.18
C VAL A 216 -5.47 16.87 3.97
N LEU A 217 -5.27 16.94 5.30
CA LEU A 217 -6.05 17.85 6.16
C LEU A 217 -5.76 19.33 5.88
N ARG A 218 -4.52 19.65 5.50
CA ARG A 218 -4.17 21.03 5.13
C ARG A 218 -4.84 21.44 3.78
N GLY A 219 -5.06 20.46 2.90
CA GLY A 219 -5.73 20.65 1.62
C GLY A 219 -4.96 21.41 0.56
N LYS A 220 -3.67 21.67 0.79
CA LYS A 220 -2.86 22.39 -0.18
C LYS A 220 -2.09 21.41 -1.06
N TYR A 221 -1.93 21.76 -2.33
CA TYR A 221 -1.21 20.91 -3.29
C TYR A 221 -0.47 21.76 -4.30
N ARG A 222 0.60 21.23 -4.90
CA ARG A 222 1.38 21.94 -5.89
C ARG A 222 0.62 22.05 -7.21
N ILE A 223 0.68 23.21 -7.86
CA ILE A 223 0.11 23.39 -9.18
C ILE A 223 1.29 23.24 -10.12
N PRO A 224 1.34 22.16 -10.91
CA PRO A 224 2.48 22.00 -11.84
C PRO A 224 2.47 23.11 -12.89
N PHE A 225 3.66 23.65 -13.25
CA PHE A 225 3.83 24.81 -14.13
C PHE A 225 2.99 24.78 -15.41
N TYR A 226 2.79 23.58 -16.00
CA TYR A 226 2.08 23.42 -17.27
C TYR A 226 0.56 23.38 -17.16
N MET A 227 0.01 23.26 -15.93
CA MET A 227 -1.42 23.16 -15.75
C MET A 227 -2.13 24.45 -16.15
N SER A 228 -3.27 24.32 -16.86
CA SER A 228 -4.04 25.47 -17.29
C SER A 228 -4.87 26.05 -16.13
N THR A 229 -5.26 27.32 -16.23
CA THR A 229 -6.12 27.94 -15.22
C THR A 229 -7.50 27.27 -15.22
N ASP A 230 -8.01 26.87 -16.37
CA ASP A 230 -9.29 26.14 -16.46
C ASP A 230 -9.21 24.81 -15.69
N CYS A 231 -8.08 24.08 -15.82
CA CYS A 231 -7.89 22.82 -15.09
C CYS A 231 -7.83 23.06 -13.60
N GLU A 232 -7.06 24.05 -13.16
CA GLU A 232 -6.96 24.36 -11.73
C GLU A 232 -8.32 24.83 -11.14
N ASN A 233 -9.14 25.55 -11.93
CA ASN A 233 -10.47 25.98 -11.48
C ASN A 233 -11.37 24.76 -11.28
N LEU A 234 -11.24 23.74 -12.15
CA LEU A 234 -12.00 22.52 -11.99
C LEU A 234 -11.53 21.71 -10.78
N LEU A 235 -10.21 21.58 -10.55
CA LEU A 235 -9.66 20.88 -9.39
C LEU A 235 -10.21 21.44 -8.07
N LYS A 236 -10.36 22.78 -8.01
CA LYS A 236 -10.88 23.47 -6.82
C LYS A 236 -12.36 23.18 -6.55
N LYS A 237 -13.09 22.65 -7.53
CA LYS A 237 -14.49 22.25 -7.35
C LYS A 237 -14.58 20.84 -6.70
N PHE A 238 -13.50 20.03 -6.79
CA PHE A 238 -13.47 18.70 -6.20
C PHE A 238 -12.77 18.71 -4.83
N LEU A 239 -11.58 19.30 -4.76
CA LEU A 239 -10.75 19.27 -3.57
C LEU A 239 -11.08 20.37 -2.55
N ILE A 240 -12.29 20.28 -1.99
CA ILE A 240 -12.79 21.20 -0.97
C ILE A 240 -12.79 20.46 0.36
N LEU A 241 -12.14 21.02 1.39
CA LEU A 241 -12.03 20.36 2.68
C LEU A 241 -13.37 20.03 3.33
N ASN A 242 -14.33 20.96 3.30
CA ASN A 242 -15.67 20.74 3.86
C ASN A 242 -16.52 19.90 2.91
N PRO A 243 -16.92 18.69 3.34
CA PRO A 243 -17.73 17.83 2.46
C PRO A 243 -19.07 18.40 2.03
N SER A 244 -19.67 19.25 2.85
CA SER A 244 -20.94 19.89 2.52
C SER A 244 -20.78 20.99 1.45
N LYS A 245 -19.57 21.53 1.29
CA LYS A 245 -19.31 22.56 0.29
C LYS A 245 -18.86 22.01 -1.09
N ARG A 246 -18.69 20.69 -1.22
CA ARG A 246 -18.29 20.08 -2.49
C ARG A 246 -19.52 19.99 -3.40
N GLY A 247 -19.36 20.40 -4.66
CA GLY A 247 -20.45 20.39 -5.64
C GLY A 247 -20.83 18.98 -6.03
N THR A 248 -22.07 18.80 -6.55
CA THR A 248 -22.48 17.49 -7.03
C THR A 248 -21.79 17.24 -8.38
N LEU A 249 -21.73 15.98 -8.81
CA LEU A 249 -21.16 15.67 -10.12
C LEU A 249 -21.99 16.25 -11.26
N GLU A 250 -23.32 16.36 -11.08
CA GLU A 250 -24.20 16.97 -12.07
C GLU A 250 -23.84 18.46 -12.29
N GLN A 251 -23.45 19.17 -11.22
CA GLN A 251 -23.04 20.56 -11.34
C GLN A 251 -21.65 20.67 -11.96
N ILE A 252 -20.74 19.80 -11.52
CA ILE A 252 -19.37 19.76 -12.03
C ILE A 252 -19.36 19.44 -13.52
N MET A 253 -20.33 18.64 -14.01
CA MET A 253 -20.40 18.31 -15.43
C MET A 253 -20.48 19.56 -16.32
N LYS A 254 -21.06 20.63 -15.79
CA LYS A 254 -21.19 21.89 -16.55
C LYS A 254 -19.91 22.71 -16.60
N ASP A 255 -18.85 22.30 -15.88
CA ASP A 255 -17.59 23.02 -15.87
C ASP A 255 -17.00 23.23 -17.26
N ARG A 256 -16.35 24.39 -17.46
CA ARG A 256 -15.71 24.80 -18.71
C ARG A 256 -14.65 23.81 -19.21
N TRP A 257 -13.67 23.43 -18.36
CA TRP A 257 -12.63 22.48 -18.76
C TRP A 257 -13.24 21.15 -19.26
N MET A 258 -14.32 20.69 -18.64
CA MET A 258 -14.96 19.42 -19.03
C MET A 258 -15.43 19.40 -20.48
N ASN A 259 -15.76 20.58 -21.03
CA ASN A 259 -16.36 20.62 -22.37
C ASN A 259 -15.53 21.29 -23.44
N VAL A 260 -14.23 21.53 -23.22
CA VAL A 260 -13.37 22.09 -24.27
C VAL A 260 -13.26 21.06 -25.41
N GLY A 261 -13.58 21.47 -26.63
CA GLY A 261 -13.59 20.53 -27.76
C GLY A 261 -14.86 19.70 -27.85
N HIS A 262 -15.86 19.97 -26.98
CA HIS A 262 -17.18 19.33 -26.89
C HIS A 262 -18.22 20.45 -26.76
N GLU A 263 -18.14 21.44 -27.63
CA GLU A 263 -19.06 22.58 -27.61
C GLU A 263 -20.49 22.16 -27.98
N ASP A 264 -20.62 21.15 -28.84
CA ASP A 264 -21.91 20.61 -29.24
C ASP A 264 -22.38 19.63 -28.15
N ASP A 265 -21.53 18.61 -27.89
CA ASP A 265 -21.69 17.47 -27.01
C ASP A 265 -21.37 17.82 -25.54
N GLU A 266 -22.17 18.67 -24.88
CA GLU A 266 -21.91 18.99 -23.47
C GLU A 266 -22.12 17.74 -22.63
N LEU A 267 -21.20 17.48 -21.68
CA LEU A 267 -21.29 16.33 -20.78
C LEU A 267 -22.48 16.53 -19.89
N LYS A 268 -23.35 15.53 -19.81
CA LYS A 268 -24.55 15.56 -19.00
C LYS A 268 -24.84 14.15 -18.42
N PRO A 269 -25.71 14.04 -17.40
CA PRO A 269 -26.00 12.70 -16.85
C PRO A 269 -26.38 11.63 -17.87
N TYR A 270 -25.79 10.46 -17.73
CA TYR A 270 -26.03 9.33 -18.63
C TYR A 270 -27.49 8.90 -18.56
N VAL A 271 -28.09 8.64 -19.72
CA VAL A 271 -29.45 8.13 -19.77
C VAL A 271 -29.35 6.67 -20.19
N GLU A 272 -29.63 5.77 -19.27
CA GLU A 272 -29.54 4.34 -19.55
C GLU A 272 -30.55 3.92 -20.64
N PRO A 273 -30.08 3.24 -21.70
CA PRO A 273 -31.02 2.78 -22.73
C PRO A 273 -32.02 1.73 -22.19
N LEU A 274 -33.21 1.70 -22.76
CA LEU A 274 -34.25 0.77 -22.34
C LEU A 274 -33.87 -0.66 -22.70
N PRO A 275 -34.24 -1.64 -21.86
CA PRO A 275 -33.90 -3.05 -22.16
C PRO A 275 -34.53 -3.54 -23.48
N ASP A 276 -33.78 -4.34 -24.22
CA ASP A 276 -34.19 -4.93 -25.49
C ASP A 276 -33.94 -6.42 -25.36
N TYR A 277 -34.96 -7.18 -24.94
CA TYR A 277 -34.83 -8.64 -24.80
C TYR A 277 -35.23 -9.44 -26.02
N LYS A 278 -35.70 -8.77 -27.08
CA LYS A 278 -36.18 -9.45 -28.27
C LYS A 278 -35.42 -9.12 -29.56
N ASP A 279 -34.11 -8.89 -29.46
CA ASP A 279 -33.29 -8.61 -30.64
C ASP A 279 -33.31 -9.82 -31.58
N PRO A 280 -33.92 -9.68 -32.77
CA PRO A 280 -34.04 -10.84 -33.67
C PRO A 280 -32.70 -11.38 -34.13
N ARG A 281 -31.71 -10.52 -34.35
CA ARG A 281 -30.38 -10.97 -34.77
C ARG A 281 -29.77 -11.93 -33.74
N ARG A 282 -29.81 -11.56 -32.45
CA ARG A 282 -29.24 -12.41 -31.41
C ARG A 282 -30.11 -13.62 -31.10
N THR A 283 -31.45 -13.41 -31.08
CA THR A 283 -32.37 -14.52 -30.83
C THR A 283 -32.21 -15.64 -31.86
N GLU A 284 -32.05 -15.29 -33.15
CA GLU A 284 -31.89 -16.31 -34.19
C GLU A 284 -30.59 -17.08 -34.03
N LEU A 285 -29.48 -16.39 -33.73
CA LEU A 285 -28.19 -17.04 -33.54
C LEU A 285 -28.25 -17.99 -32.34
N MET A 286 -28.94 -17.58 -31.26
CA MET A 286 -29.06 -18.39 -30.05
C MET A 286 -29.90 -19.62 -30.27
N VAL A 287 -30.97 -19.50 -31.06
CA VAL A 287 -31.81 -20.65 -31.39
C VAL A 287 -30.99 -21.65 -32.19
N SER A 288 -30.15 -21.18 -33.13
CA SER A 288 -29.26 -22.05 -33.92
C SER A 288 -28.26 -22.80 -33.03
N MET A 289 -27.82 -22.15 -31.94
CA MET A 289 -26.92 -22.77 -30.95
C MET A 289 -27.61 -23.85 -30.11
N GLY A 290 -28.93 -23.86 -30.07
CA GLY A 290 -29.66 -24.87 -29.31
C GLY A 290 -30.52 -24.36 -28.18
N TYR A 291 -30.53 -23.04 -27.96
CA TYR A 291 -31.37 -22.46 -26.91
C TYR A 291 -32.79 -22.26 -27.43
N THR A 292 -33.79 -22.34 -26.56
CA THR A 292 -35.18 -22.11 -26.95
C THR A 292 -35.55 -20.63 -26.75
N ARG A 293 -36.60 -20.15 -27.44
CA ARG A 293 -37.08 -18.76 -27.34
C ARG A 293 -37.57 -18.42 -25.94
N GLU A 294 -38.23 -19.40 -25.30
CA GLU A 294 -38.75 -19.28 -23.94
C GLU A 294 -37.58 -19.22 -22.95
N GLU A 295 -36.50 -20.01 -23.19
CA GLU A 295 -35.27 -20.04 -22.37
C GLU A 295 -34.69 -18.64 -22.35
N ILE A 296 -34.57 -18.01 -23.54
CA ILE A 296 -34.04 -16.68 -23.73
C ILE A 296 -34.88 -15.63 -23.02
N GLN A 297 -36.20 -15.65 -23.25
CA GLN A 297 -37.08 -14.65 -22.64
C GLN A 297 -37.11 -14.72 -21.13
N ASP A 298 -37.29 -15.91 -20.55
CA ASP A 298 -37.37 -16.04 -19.10
C ASP A 298 -36.07 -15.63 -18.42
N SER A 299 -34.93 -15.96 -19.04
CA SER A 299 -33.61 -15.60 -18.53
C SER A 299 -33.41 -14.11 -18.51
N LEU A 300 -33.87 -13.41 -19.55
CA LEU A 300 -33.71 -11.96 -19.67
C LEU A 300 -34.69 -11.19 -18.80
N VAL A 301 -35.99 -11.53 -18.83
CA VAL A 301 -36.98 -10.81 -18.02
C VAL A 301 -36.72 -11.04 -16.52
N GLY A 302 -36.30 -12.25 -16.16
CA GLY A 302 -35.96 -12.54 -14.77
C GLY A 302 -34.59 -12.06 -14.35
N GLN A 303 -33.80 -11.46 -15.29
CA GLN A 303 -32.41 -10.96 -15.06
C GLN A 303 -31.60 -11.99 -14.30
N ARG A 304 -31.62 -13.22 -14.83
CA ARG A 304 -31.05 -14.38 -14.20
C ARG A 304 -29.56 -14.41 -14.15
N TYR A 305 -28.87 -13.75 -15.10
CA TYR A 305 -27.41 -13.83 -15.20
C TYR A 305 -26.93 -15.29 -15.27
N ASN A 306 -27.72 -16.14 -15.94
CA ASN A 306 -27.41 -17.54 -16.16
C ASN A 306 -26.66 -17.65 -17.51
N GLU A 307 -26.34 -18.87 -17.95
CA GLU A 307 -25.59 -19.08 -19.17
C GLU A 307 -26.32 -18.63 -20.46
N VAL A 308 -27.67 -18.56 -20.44
CA VAL A 308 -28.48 -18.14 -21.59
C VAL A 308 -28.43 -16.64 -21.68
N MET A 309 -28.68 -15.95 -20.55
CA MET A 309 -28.60 -14.50 -20.50
C MET A 309 -27.18 -14.02 -20.86
N ALA A 310 -26.17 -14.69 -20.33
CA ALA A 310 -24.77 -14.36 -20.61
C ALA A 310 -24.50 -14.46 -22.10
N THR A 311 -24.99 -15.50 -22.78
CA THR A 311 -24.77 -15.63 -24.21
C THR A 311 -25.46 -14.47 -24.98
N TYR A 312 -26.69 -14.07 -24.56
CA TYR A 312 -27.39 -12.96 -25.21
C TYR A 312 -26.58 -11.65 -25.07
N LEU A 313 -26.07 -11.34 -23.87
CA LEU A 313 -25.23 -10.17 -23.61
C LEU A 313 -23.92 -10.22 -24.39
N LEU A 314 -23.22 -11.38 -24.39
CA LEU A 314 -21.96 -11.57 -25.11
C LEU A 314 -22.13 -11.46 -26.62
N LEU A 315 -23.31 -11.83 -27.15
CA LEU A 315 -23.59 -11.66 -28.56
C LEU A 315 -23.78 -10.19 -28.97
N GLY A 316 -23.97 -9.29 -28.00
CA GLY A 316 -24.11 -7.86 -28.27
C GLY A 316 -22.80 -7.14 -28.57
N TYR A 317 -21.70 -7.89 -28.82
CA TYR A 317 -20.36 -7.35 -29.15
C TYR A 317 -19.91 -7.79 -30.54
N GLN B 1 35.36 -4.27 -11.88
CA GLN B 1 34.15 -4.08 -11.09
C GLN B 1 34.08 -2.64 -10.51
N PRO B 2 32.91 -1.96 -10.59
CA PRO B 2 32.81 -0.57 -10.09
C PRO B 2 33.19 -0.35 -8.64
N HIS B 3 33.77 0.83 -8.36
CA HIS B 3 34.24 1.20 -7.03
C HIS B 3 33.73 2.54 -6.55
N ILE B 4 33.31 2.60 -5.29
CA ILE B 4 32.91 3.82 -4.59
C ILE B 4 33.80 3.80 -3.37
N GLY B 5 34.79 4.70 -3.29
CA GLY B 5 35.72 4.73 -2.15
C GLY B 5 36.44 3.39 -1.96
N ASN B 6 36.34 2.83 -0.75
CA ASN B 6 36.95 1.53 -0.44
C ASN B 6 35.99 0.35 -0.69
N TYR B 7 34.98 0.54 -1.53
CA TYR B 7 33.96 -0.49 -1.74
C TYR B 7 33.84 -0.95 -3.17
N ARG B 8 33.75 -2.24 -3.36
CA ARG B 8 33.59 -2.84 -4.67
C ARG B 8 32.10 -3.23 -4.81
N LEU B 9 31.43 -2.65 -5.79
CA LEU B 9 29.99 -2.87 -5.97
C LEU B 9 29.70 -4.27 -6.51
N LEU B 10 28.84 -5.02 -5.84
CA LEU B 10 28.55 -6.40 -6.25
C LEU B 10 27.25 -6.57 -7.02
N LYS B 11 26.12 -6.05 -6.51
CA LYS B 11 24.81 -6.19 -7.17
C LYS B 11 23.78 -5.20 -6.65
N THR B 12 22.67 -5.01 -7.38
CA THR B 12 21.59 -4.12 -6.94
C THR B 12 20.59 -4.84 -6.02
N LEU B 13 20.34 -4.30 -4.82
CA LEU B 13 19.39 -4.82 -3.83
C LEU B 13 18.00 -4.13 -3.92
N GLY B 14 17.87 -3.11 -4.76
CA GLY B 14 16.66 -2.32 -4.92
C GLY B 14 16.90 -1.11 -5.79
N LYS B 15 15.87 -0.68 -6.53
CA LYS B 15 15.99 0.47 -7.42
C LYS B 15 14.76 1.39 -7.29
N GLY B 16 14.93 2.63 -7.71
CA GLY B 16 13.90 3.66 -7.68
C GLY B 16 14.25 4.85 -8.54
N ASN B 17 13.46 5.94 -8.41
CA ASN B 17 13.72 7.16 -9.17
C ASN B 17 14.66 8.13 -8.43
N PHE B 18 14.80 8.00 -7.11
CA PHE B 18 15.68 8.89 -6.34
C PHE B 18 16.82 8.12 -5.62
N ALA B 19 16.64 6.80 -5.36
CA ALA B 19 17.69 6.02 -4.71
C ALA B 19 17.90 4.62 -5.31
N VAL B 20 19.17 4.16 -5.31
CA VAL B 20 19.56 2.83 -5.77
C VAL B 20 20.36 2.22 -4.63
N VAL B 21 19.98 1.03 -4.19
CA VAL B 21 20.70 0.35 -3.14
C VAL B 21 21.62 -0.72 -3.76
N LYS B 22 22.86 -0.80 -3.26
CA LYS B 22 23.82 -1.77 -3.79
C LYS B 22 24.42 -2.63 -2.71
N LEU B 23 24.63 -3.92 -3.01
CA LEU B 23 25.37 -4.82 -2.14
C LEU B 23 26.82 -4.50 -2.54
N ALA B 24 27.70 -4.32 -1.56
CA ALA B 24 29.09 -4.00 -1.85
C ALA B 24 30.03 -4.73 -0.89
N ARG B 25 31.30 -4.88 -1.26
CA ARG B 25 32.29 -5.45 -0.38
C ARG B 25 33.29 -4.36 0.01
N HIS B 26 33.54 -4.19 1.31
CA HIS B 26 34.56 -3.25 1.78
C HIS B 26 35.87 -3.97 1.49
N ILE B 27 36.64 -3.45 0.55
CA ILE B 27 37.87 -4.09 0.09
C ILE B 27 38.86 -4.38 1.21
N LEU B 28 39.11 -3.40 2.08
CA LEU B 28 40.07 -3.59 3.16
C LEU B 28 39.76 -4.75 4.12
N THR B 29 38.50 -4.89 4.52
CA THR B 29 38.11 -5.90 5.49
C THR B 29 37.47 -7.16 4.92
N GLY B 30 36.95 -7.08 3.71
CA GLY B 30 36.23 -8.18 3.07
C GLY B 30 34.77 -8.29 3.46
N LYS B 31 34.26 -7.37 4.31
CA LYS B 31 32.86 -7.45 4.77
C LYS B 31 31.87 -6.93 3.74
N GLU B 32 30.71 -7.55 3.65
CA GLU B 32 29.64 -7.07 2.78
C GLU B 32 28.84 -5.99 3.52
N VAL B 33 28.51 -4.92 2.81
CA VAL B 33 27.77 -3.78 3.32
C VAL B 33 26.68 -3.43 2.29
N ALA B 34 25.69 -2.63 2.70
CA ALA B 34 24.68 -2.13 1.77
C ALA B 34 25.02 -0.64 1.54
N ILE B 35 24.89 -0.15 0.32
CA ILE B 35 25.17 1.24 0.00
C ILE B 35 23.97 1.88 -0.69
N LYS B 36 23.34 2.82 0.01
CA LYS B 36 22.22 3.56 -0.53
C LYS B 36 22.81 4.76 -1.25
N ILE B 37 22.58 4.85 -2.57
CA ILE B 37 23.07 5.93 -3.42
C ILE B 37 21.87 6.83 -3.76
N ILE B 38 21.89 8.07 -3.28
CA ILE B 38 20.81 9.03 -3.43
C ILE B 38 21.19 10.18 -4.36
N ASP B 39 20.43 10.37 -5.44
CA ASP B 39 20.66 11.50 -6.33
C ASP B 39 19.87 12.64 -5.70
N LYS B 40 20.57 13.57 -5.04
CA LYS B 40 19.93 14.69 -4.38
C LYS B 40 19.27 15.67 -5.35
N THR B 41 19.73 15.75 -6.61
CA THR B 41 19.12 16.65 -7.59
C THR B 41 17.69 16.24 -7.92
N GLN B 42 17.35 14.94 -7.78
CA GLN B 42 16.01 14.42 -8.05
C GLN B 42 15.07 14.48 -6.86
N LEU B 43 15.50 15.01 -5.71
CA LEU B 43 14.66 15.07 -4.53
C LEU B 43 13.76 16.27 -4.49
N ASN B 44 12.62 16.13 -3.85
CA ASN B 44 11.69 17.25 -3.68
C ASN B 44 12.14 18.15 -2.52
N SER B 45 11.51 19.33 -2.43
CA SER B 45 11.74 20.38 -1.43
C SER B 45 11.92 19.89 0.01
N SER B 46 11.07 18.95 0.46
CA SER B 46 11.06 18.43 1.83
C SER B 46 11.73 17.07 2.01
N SER B 47 11.99 16.34 0.91
CA SER B 47 12.62 15.02 1.00
C SER B 47 14.05 15.04 1.54
N LEU B 48 14.85 16.07 1.18
CA LEU B 48 16.23 16.15 1.66
C LEU B 48 16.30 16.43 3.15
N GLN B 49 15.35 17.19 3.70
CA GLN B 49 15.29 17.48 5.13
C GLN B 49 15.04 16.18 5.91
N LYS B 50 14.22 15.28 5.36
CA LYS B 50 13.88 13.98 5.93
C LYS B 50 15.08 13.04 5.87
N ILE B 51 15.78 13.02 4.72
CA ILE B 51 16.97 12.20 4.56
C ILE B 51 18.05 12.63 5.55
N PHE B 52 18.27 13.95 5.69
CA PHE B 52 19.24 14.50 6.64
C PHE B 52 18.85 14.20 8.09
N ARG B 53 17.55 14.23 8.39
CA ARG B 53 17.06 13.89 9.73
C ARG B 53 17.35 12.42 10.02
N GLU B 54 17.12 11.54 9.04
CA GLU B 54 17.36 10.11 9.20
C GLU B 54 18.83 9.83 9.45
N VAL B 55 19.73 10.49 8.69
CA VAL B 55 21.19 10.34 8.84
C VAL B 55 21.58 10.71 10.28
N ARG B 56 21.04 11.83 10.77
CA ARG B 56 21.28 12.31 12.13
C ARG B 56 20.90 11.25 13.18
N ILE B 57 19.72 10.62 13.04
CA ILE B 57 19.24 9.58 13.95
C ILE B 57 20.10 8.33 13.85
N MET B 58 20.44 7.94 12.61
CA MET B 58 21.25 6.75 12.36
C MET B 58 22.62 6.81 13.00
N LYS B 59 23.20 8.03 13.11
CA LYS B 59 24.51 8.25 13.72
C LYS B 59 24.53 8.00 15.20
N VAL B 60 23.42 8.24 15.90
CA VAL B 60 23.38 8.10 17.35
C VAL B 60 22.96 6.70 17.82
N LEU B 61 22.31 5.90 16.94
CA LEU B 61 21.86 4.55 17.29
C LEU B 61 22.93 3.48 17.16
N ASN B 62 23.30 2.86 18.27
CA ASN B 62 24.29 1.79 18.32
C ASN B 62 23.71 0.59 19.13
N HIS B 63 22.88 -0.22 18.47
CA HIS B 63 22.18 -1.36 19.09
C HIS B 63 22.35 -2.56 18.18
N PRO B 64 22.60 -3.77 18.72
CA PRO B 64 22.78 -4.95 17.85
C PRO B 64 21.57 -5.34 16.98
N ASN B 65 20.39 -4.78 17.28
CA ASN B 65 19.19 -5.07 16.51
C ASN B 65 18.68 -3.86 15.73
N ILE B 66 19.59 -2.95 15.38
CA ILE B 66 19.28 -1.79 14.54
C ILE B 66 20.37 -1.71 13.47
N ILE B 67 20.00 -1.57 12.17
CA ILE B 67 20.97 -1.43 11.05
C ILE B 67 21.99 -0.31 11.39
N LYS B 68 23.26 -0.70 11.54
CA LYS B 68 24.34 0.19 11.92
C LYS B 68 24.87 1.00 10.71
N LEU B 69 25.09 2.33 10.90
CA LEU B 69 25.65 3.17 9.85
C LEU B 69 27.18 3.05 9.89
N PHE B 70 27.82 2.86 8.73
CA PHE B 70 29.28 2.74 8.70
C PHE B 70 29.96 3.98 8.11
N GLU B 71 29.37 4.58 7.07
CA GLU B 71 30.00 5.73 6.43
C GLU B 71 29.00 6.60 5.69
N VAL B 72 29.30 7.89 5.62
CA VAL B 72 28.56 8.88 4.86
C VAL B 72 29.53 9.48 3.88
N ILE B 73 29.22 9.44 2.59
CA ILE B 73 30.06 10.04 1.58
C ILE B 73 29.20 11.07 0.88
N GLU B 74 29.62 12.33 0.89
CA GLU B 74 28.83 13.38 0.27
C GLU B 74 29.57 14.04 -0.84
N THR B 75 28.84 14.35 -1.88
CA THR B 75 29.26 15.17 -3.02
C THR B 75 28.11 16.19 -3.24
N GLU B 76 28.30 17.19 -4.12
CA GLU B 76 27.25 18.17 -4.37
C GLU B 76 25.94 17.55 -4.84
N LYS B 77 26.01 16.55 -5.73
CA LYS B 77 24.82 15.91 -6.28
C LYS B 77 24.43 14.57 -5.65
N THR B 78 25.39 13.85 -5.05
CA THR B 78 25.08 12.50 -4.55
C THR B 78 25.37 12.31 -3.08
N LEU B 79 24.55 11.51 -2.43
CA LEU B 79 24.74 11.14 -1.04
C LEU B 79 24.85 9.62 -0.95
N TYR B 80 25.92 9.10 -0.31
CA TYR B 80 26.11 7.64 -0.18
C TYR B 80 26.06 7.29 1.27
N LEU B 81 25.21 6.32 1.63
CA LEU B 81 25.09 5.87 3.00
C LEU B 81 25.48 4.41 3.01
N VAL B 82 26.56 4.08 3.70
CA VAL B 82 27.07 2.73 3.80
C VAL B 82 26.59 2.16 5.13
N THR B 83 25.80 1.10 5.09
CA THR B 83 25.19 0.53 6.30
C THR B 83 25.41 -1.01 6.36
N GLU B 84 24.99 -1.63 7.46
CA GLU B 84 24.98 -3.07 7.67
C GLU B 84 24.08 -3.70 6.61
N TYR B 85 24.42 -4.93 6.19
CA TYR B 85 23.65 -5.69 5.22
C TYR B 85 22.88 -6.78 6.00
N ALA B 86 21.59 -6.92 5.75
CA ALA B 86 20.79 -7.96 6.41
C ALA B 86 20.45 -8.99 5.35
N LYS B 87 21.28 -10.02 5.24
CA LYS B 87 21.20 -11.09 4.25
C LYS B 87 19.83 -11.75 4.04
N ASN B 88 19.08 -12.00 5.13
CA ASN B 88 17.85 -12.77 5.04
C ASN B 88 16.58 -11.98 4.80
N GLY B 89 16.71 -10.75 4.34
CA GLY B 89 15.57 -9.93 3.94
C GLY B 89 14.62 -9.51 5.04
N GLU B 90 13.37 -9.19 4.66
CA GLU B 90 12.38 -8.71 5.60
C GLU B 90 11.64 -9.82 6.32
N VAL B 91 11.26 -9.53 7.57
CA VAL B 91 10.43 -10.40 8.39
C VAL B 91 9.08 -10.64 7.66
N PHE B 92 8.56 -9.61 6.96
CA PHE B 92 7.34 -9.69 6.15
C PHE B 92 7.40 -10.89 5.18
N ASP B 93 8.50 -11.00 4.41
CA ASP B 93 8.66 -12.07 3.43
C ASP B 93 8.90 -13.41 4.09
N TYR B 94 9.61 -13.43 5.22
CA TYR B 94 9.86 -14.67 5.95
C TYR B 94 8.53 -15.25 6.46
N LEU B 95 7.61 -14.39 6.95
CA LEU B 95 6.28 -14.81 7.41
C LEU B 95 5.45 -15.36 6.23
N VAL B 96 5.53 -14.70 5.06
CA VAL B 96 4.79 -15.16 3.89
C VAL B 96 5.32 -16.55 3.45
N ALA B 97 6.65 -16.70 3.46
CA ALA B 97 7.32 -17.94 3.05
C ALA B 97 7.22 -19.12 4.04
N HIS B 98 7.17 -18.84 5.34
CA HIS B 98 7.15 -19.93 6.33
C HIS B 98 5.90 -20.03 7.18
N GLY B 99 5.03 -19.03 7.11
CA GLY B 99 3.85 -18.98 7.94
C GLY B 99 4.17 -18.42 9.32
N ARG B 100 3.23 -18.54 10.24
CA ARG B 100 3.39 -18.03 11.59
C ARG B 100 4.58 -18.66 12.32
N MET B 101 5.22 -17.87 13.16
CA MET B 101 6.29 -18.38 13.99
C MET B 101 5.62 -19.01 15.21
N LYS B 102 6.23 -20.09 15.77
CA LYS B 102 5.77 -20.63 17.05
C LYS B 102 6.08 -19.55 18.10
N GLU B 103 5.32 -19.50 19.21
CA GLU B 103 5.53 -18.46 20.23
C GLU B 103 6.95 -18.37 20.73
N LYS B 104 7.65 -19.49 20.78
CA LYS B 104 9.04 -19.53 21.22
C LYS B 104 9.96 -18.76 20.23
N GLU B 105 9.73 -18.94 18.92
CA GLU B 105 10.49 -18.24 17.87
C GLU B 105 10.10 -16.77 17.79
N ALA B 106 8.79 -16.48 17.87
CA ALA B 106 8.33 -15.09 17.86
C ALA B 106 8.87 -14.34 19.08
N ARG B 107 8.99 -15.02 20.24
CA ARG B 107 9.54 -14.43 21.47
C ARG B 107 11.01 -14.00 21.29
N ALA B 108 11.83 -14.85 20.65
CA ALA B 108 13.24 -14.55 20.40
C ALA B 108 13.37 -13.25 19.54
N LYS B 109 12.57 -13.14 18.49
CA LYS B 109 12.56 -11.96 17.61
C LYS B 109 11.99 -10.74 18.32
N PHE B 110 10.86 -10.93 19.03
CA PHE B 110 10.15 -9.86 19.68
C PHE B 110 10.93 -9.25 20.82
N ARG B 111 11.72 -10.06 21.56
CA ARG B 111 12.58 -9.49 22.61
C ARG B 111 13.61 -8.51 21.98
N GLN B 112 14.15 -8.88 20.81
CA GLN B 112 15.10 -8.01 20.08
C GLN B 112 14.42 -6.74 19.56
N ILE B 113 13.20 -6.86 19.01
CA ILE B 113 12.44 -5.71 18.49
C ILE B 113 12.10 -4.72 19.61
N VAL B 114 11.56 -5.24 20.72
CA VAL B 114 11.22 -4.41 21.87
C VAL B 114 12.46 -3.73 22.47
N SER B 115 13.58 -4.46 22.60
CA SER B 115 14.85 -3.88 23.07
C SER B 115 15.27 -2.70 22.16
N ALA B 116 15.27 -2.92 20.83
CA ALA B 116 15.62 -1.89 19.85
C ALA B 116 14.72 -0.65 19.92
N VAL B 117 13.38 -0.83 19.93
CA VAL B 117 12.46 0.29 19.97
C VAL B 117 12.51 1.03 21.30
N GLN B 118 12.71 0.28 22.40
CA GLN B 118 12.82 0.90 23.73
C GLN B 118 14.07 1.78 23.78
N TYR B 119 15.18 1.29 23.19
CA TYR B 119 16.45 2.01 23.11
C TYR B 119 16.30 3.32 22.32
N CYS B 120 15.49 3.32 21.26
CA CYS B 120 15.18 4.54 20.49
C CYS B 120 14.45 5.52 21.41
N HIS B 121 13.46 5.02 22.16
CA HIS B 121 12.67 5.84 23.06
C HIS B 121 13.51 6.47 24.16
N GLN B 122 14.59 5.79 24.61
CA GLN B 122 15.53 6.32 25.59
C GLN B 122 16.15 7.62 25.07
N LYS B 123 16.46 7.68 23.75
CA LYS B 123 17.05 8.84 23.09
C LYS B 123 16.02 9.74 22.42
N PHE B 124 14.75 9.63 22.81
CA PHE B 124 13.61 10.43 22.34
C PHE B 124 13.35 10.33 20.83
N ILE B 125 13.57 9.13 20.27
CA ILE B 125 13.32 8.86 18.86
C ILE B 125 12.07 7.99 18.68
N VAL B 126 11.06 8.50 17.98
CA VAL B 126 9.83 7.75 17.71
C VAL B 126 9.83 7.35 16.22
N HIS B 127 9.72 6.04 15.95
CA HIS B 127 9.75 5.52 14.59
C HIS B 127 8.56 5.98 13.76
N ARG B 128 7.33 5.78 14.27
CA ARG B 128 6.07 6.17 13.62
C ARG B 128 5.68 5.36 12.38
N ASP B 129 6.55 4.43 11.93
CA ASP B 129 6.24 3.62 10.76
C ASP B 129 6.70 2.17 10.94
N LEU B 130 6.54 1.65 12.17
CA LEU B 130 6.94 0.29 12.49
C LEU B 130 6.08 -0.69 11.72
N LYS B 131 6.72 -1.66 11.06
CA LYS B 131 6.03 -2.70 10.29
C LYS B 131 6.97 -3.84 9.95
N ALA B 132 6.40 -5.01 9.62
CA ALA B 132 7.17 -6.22 9.27
C ALA B 132 8.14 -5.97 8.09
N GLU B 133 7.80 -5.04 7.19
CA GLU B 133 8.62 -4.61 6.06
C GLU B 133 9.91 -3.96 6.52
N ASN B 134 9.86 -3.24 7.64
CA ASN B 134 11.00 -2.55 8.22
C ASN B 134 11.85 -3.37 9.19
N LEU B 135 11.47 -4.63 9.42
CA LEU B 135 12.21 -5.49 10.31
C LEU B 135 12.97 -6.43 9.39
N LEU B 136 14.28 -6.36 9.40
CA LEU B 136 15.11 -7.22 8.55
C LEU B 136 15.77 -8.33 9.37
N LEU B 137 16.32 -9.35 8.68
CA LEU B 137 16.95 -10.47 9.34
C LEU B 137 18.37 -10.64 8.82
N ASP B 138 19.36 -10.72 9.72
CA ASP B 138 20.74 -10.93 9.29
C ASP B 138 21.01 -12.45 8.98
N ALA B 139 22.26 -12.84 8.71
CA ALA B 139 22.64 -14.22 8.41
C ALA B 139 22.34 -15.19 9.57
N ASP B 140 22.36 -14.70 10.82
CA ASP B 140 22.03 -15.52 11.99
C ASP B 140 20.55 -15.41 12.39
N MET B 141 19.71 -14.79 11.56
CA MET B 141 18.28 -14.60 11.79
C MET B 141 17.99 -13.62 12.94
N ASN B 142 18.91 -12.70 13.19
CA ASN B 142 18.70 -11.68 14.20
C ASN B 142 17.97 -10.51 13.59
N ILE B 143 17.11 -9.87 14.38
CA ILE B 143 16.37 -8.70 13.94
C ILE B 143 17.33 -7.53 13.67
N LYS B 144 17.04 -6.76 12.64
CA LYS B 144 17.77 -5.55 12.30
C LYS B 144 16.73 -4.57 11.88
N ILE B 145 16.38 -3.61 12.75
CA ILE B 145 15.38 -2.63 12.37
C ILE B 145 15.97 -1.61 11.37
N ALA B 146 15.17 -1.23 10.36
CA ALA B 146 15.56 -0.31 9.32
C ALA B 146 14.49 0.82 9.10
N ASP B 147 14.87 1.85 8.32
CA ASP B 147 14.05 2.95 7.83
C ASP B 147 13.56 3.92 8.88
N PHE B 148 14.39 4.91 9.15
CA PHE B 148 14.03 5.98 10.06
C PHE B 148 13.81 7.28 9.28
N GLY B 149 13.24 7.17 8.07
CA GLY B 149 12.97 8.28 7.17
C GLY B 149 12.96 7.90 5.70
N THR B 162 3.98 1.98 -2.66
CA THR B 162 3.92 3.00 -1.60
C THR B 162 2.59 2.87 -0.85
N PHE B 163 2.60 2.87 0.51
CA PHE B 163 1.42 2.71 1.38
C PHE B 163 0.76 1.35 1.18
N CYS B 164 1.57 0.30 0.94
CA CYS B 164 1.03 -1.04 0.70
C CYS B 164 0.72 -1.80 1.98
N GLY B 165 1.57 -1.63 2.99
CA GLY B 165 1.38 -2.32 4.27
C GLY B 165 1.35 -1.43 5.50
N SER B 166 1.41 -0.12 5.32
CA SER B 166 1.42 0.83 6.41
C SER B 166 0.06 1.05 7.16
N PRO B 167 -1.11 1.18 6.48
CA PRO B 167 -2.36 1.44 7.21
C PRO B 167 -2.72 0.40 8.29
N PRO B 168 -2.50 -0.93 8.13
CA PRO B 168 -2.86 -1.86 9.23
C PRO B 168 -2.06 -1.66 10.53
N TYR B 169 -0.92 -0.96 10.48
CA TYR B 169 -0.11 -0.69 11.67
C TYR B 169 -0.47 0.64 12.38
N ALA B 170 -1.31 1.47 11.76
CA ALA B 170 -1.66 2.77 12.29
C ALA B 170 -2.49 2.73 13.58
N ALA B 171 -2.03 3.47 14.58
CA ALA B 171 -2.71 3.58 15.86
C ALA B 171 -4.04 4.38 15.69
N PRO B 172 -5.07 4.13 16.52
CA PRO B 172 -6.36 4.83 16.33
C PRO B 172 -6.29 6.36 16.20
N GLU B 173 -5.32 7.02 16.87
CA GLU B 173 -5.06 8.47 16.82
C GLU B 173 -4.99 9.02 15.41
N LEU B 174 -4.50 8.23 14.45
CA LEU B 174 -4.39 8.69 13.07
C LEU B 174 -5.78 8.97 12.48
N PHE B 175 -6.73 8.08 12.76
CA PHE B 175 -8.09 8.18 12.24
C PHE B 175 -9.02 9.09 13.05
N GLN B 176 -8.53 9.62 14.18
CA GLN B 176 -9.27 10.50 15.07
C GLN B 176 -8.86 11.98 14.94
N GLY B 177 -7.84 12.28 14.15
CA GLY B 177 -7.36 13.65 14.03
C GLY B 177 -6.52 14.10 15.20
N LYS B 178 -6.21 13.18 16.14
CA LYS B 178 -5.39 13.52 17.30
C LYS B 178 -3.90 13.58 16.91
N LYS B 179 -3.02 13.98 17.84
CA LYS B 179 -1.59 14.05 17.57
C LYS B 179 -1.04 12.64 17.32
N TYR B 180 -0.04 12.54 16.46
CA TYR B 180 0.59 11.28 16.10
C TYR B 180 2.10 11.45 16.27
N ASP B 181 2.54 11.79 17.50
CA ASP B 181 3.96 12.09 17.74
C ASP B 181 4.65 11.28 18.83
N GLY B 182 3.90 10.80 19.82
CA GLY B 182 4.50 10.15 20.97
C GLY B 182 5.00 8.73 20.79
N PRO B 183 5.81 8.27 21.77
CA PRO B 183 6.26 6.87 21.74
C PRO B 183 5.11 5.85 21.82
N GLU B 184 3.94 6.27 22.34
CA GLU B 184 2.77 5.43 22.44
C GLU B 184 2.26 4.95 21.08
N VAL B 185 2.57 5.66 19.99
CA VAL B 185 2.25 5.30 18.62
C VAL B 185 3.00 3.98 18.26
N ASP B 186 4.28 3.91 18.66
CA ASP B 186 5.14 2.74 18.44
C ASP B 186 4.68 1.56 19.29
N VAL B 187 4.20 1.82 20.51
CA VAL B 187 3.67 0.78 21.39
C VAL B 187 2.46 0.09 20.72
N TRP B 188 1.58 0.86 20.05
CA TRP B 188 0.46 0.27 19.33
C TRP B 188 0.94 -0.61 18.15
N SER B 189 1.82 -0.06 17.28
CA SER B 189 2.33 -0.78 16.12
C SER B 189 3.09 -2.05 16.54
N LEU B 190 3.75 -2.04 17.71
CA LEU B 190 4.43 -3.21 18.27
C LEU B 190 3.44 -4.33 18.60
N GLY B 191 2.21 -3.97 19.01
CA GLY B 191 1.16 -4.96 19.24
C GLY B 191 0.74 -5.62 17.93
N VAL B 192 0.65 -4.82 16.86
CA VAL B 192 0.31 -5.33 15.53
C VAL B 192 1.44 -6.25 15.04
N ILE B 193 2.70 -5.84 15.21
CA ILE B 193 3.87 -6.65 14.87
C ILE B 193 3.86 -7.99 15.67
N LEU B 194 3.62 -7.95 17.00
CA LEU B 194 3.55 -9.20 17.79
C LEU B 194 2.49 -10.15 17.23
N TYR B 195 1.31 -9.60 16.88
CA TYR B 195 0.21 -10.37 16.33
C TYR B 195 0.60 -11.03 15.00
N THR B 196 1.26 -10.28 14.09
CA THR B 196 1.67 -10.84 12.81
C THR B 196 2.69 -11.93 12.99
N LEU B 197 3.62 -11.79 13.95
CA LEU B 197 4.64 -12.80 14.22
C LEU B 197 4.06 -14.14 14.62
N VAL B 198 3.05 -14.13 15.52
CA VAL B 198 2.47 -15.37 16.02
C VAL B 198 1.32 -15.91 15.18
N SER B 199 0.72 -15.09 14.30
CA SER B 199 -0.41 -15.57 13.49
C SER B 199 -0.21 -15.62 11.98
N GLY B 200 0.78 -14.89 11.50
CA GLY B 200 1.03 -14.77 10.05
C GLY B 200 0.01 -13.89 9.36
N SER B 201 -0.74 -13.08 10.11
CA SER B 201 -1.78 -12.24 9.56
C SER B 201 -1.97 -10.95 10.38
N LEU B 202 -2.82 -10.03 9.89
CA LEU B 202 -3.06 -8.77 10.56
C LEU B 202 -4.28 -8.78 11.43
N PRO B 203 -4.22 -8.07 12.59
CA PRO B 203 -5.40 -8.03 13.48
C PRO B 203 -6.53 -7.16 12.95
N PHE B 204 -6.19 -6.08 12.22
CA PHE B 204 -7.15 -5.12 11.66
C PHE B 204 -6.96 -5.05 10.16
N ASP B 205 -8.00 -5.43 9.41
CA ASP B 205 -7.94 -5.39 7.95
C ASP B 205 -9.28 -4.87 7.35
N GLY B 206 -9.33 -4.74 6.03
CA GLY B 206 -10.51 -4.28 5.31
C GLY B 206 -10.26 -4.19 3.80
N GLN B 207 -11.34 -4.04 3.02
CA GLN B 207 -11.20 -3.92 1.56
C GLN B 207 -10.74 -2.52 1.17
N ASN B 208 -11.27 -1.51 1.85
CA ASN B 208 -10.90 -0.12 1.66
C ASN B 208 -10.49 0.51 3.02
N LEU B 209 -10.09 1.78 3.03
CA LEU B 209 -9.70 2.48 4.24
C LEU B 209 -10.84 2.70 5.20
N LYS B 210 -12.06 2.84 4.70
CA LYS B 210 -13.24 3.01 5.54
C LYS B 210 -13.45 1.77 6.42
N GLU B 211 -13.29 0.58 5.84
CA GLU B 211 -13.44 -0.66 6.58
C GLU B 211 -12.30 -0.87 7.56
N LEU B 212 -11.06 -0.52 7.16
CA LEU B 212 -9.89 -0.67 8.03
C LEU B 212 -10.05 0.21 9.26
N ARG B 213 -10.41 1.49 9.05
CA ARG B 213 -10.61 2.47 10.12
C ARG B 213 -11.66 2.03 11.13
N GLU B 214 -12.77 1.44 10.65
CA GLU B 214 -13.83 0.98 11.55
C GLU B 214 -13.29 -0.11 12.47
N ARG B 215 -12.51 -1.04 11.92
CA ARG B 215 -11.93 -2.12 12.71
C ARG B 215 -10.86 -1.60 13.67
N VAL B 216 -9.98 -0.68 13.24
CA VAL B 216 -8.95 -0.10 14.10
C VAL B 216 -9.58 0.66 15.27
N LEU B 217 -10.59 1.53 14.99
CA LEU B 217 -11.25 2.30 16.05
C LEU B 217 -12.06 1.42 17.01
N ARG B 218 -12.63 0.32 16.51
CA ARG B 218 -13.36 -0.62 17.38
C ARG B 218 -12.37 -1.38 18.31
N GLY B 219 -11.13 -1.58 17.86
CA GLY B 219 -10.07 -2.22 18.63
C GLY B 219 -10.21 -3.71 18.85
N LYS B 220 -11.16 -4.35 18.18
CA LYS B 220 -11.36 -5.80 18.35
C LYS B 220 -10.64 -6.57 17.27
N TYR B 221 -10.11 -7.74 17.62
CA TYR B 221 -9.37 -8.59 16.68
C TYR B 221 -9.59 -10.06 17.05
N ARG B 222 -9.45 -10.96 16.08
CA ARG B 222 -9.67 -12.37 16.36
C ARG B 222 -8.50 -12.99 17.13
N ILE B 223 -8.81 -13.85 18.07
CA ILE B 223 -7.79 -14.58 18.81
C ILE B 223 -7.71 -15.94 18.13
N PRO B 224 -6.61 -16.25 17.43
CA PRO B 224 -6.50 -17.57 16.80
C PRO B 224 -6.50 -18.66 17.87
N PHE B 225 -7.14 -19.79 17.59
CA PHE B 225 -7.31 -20.89 18.53
C PHE B 225 -6.05 -21.34 19.26
N TYR B 226 -4.88 -21.31 18.59
CA TYR B 226 -3.60 -21.78 19.14
C TYR B 226 -2.89 -20.79 20.03
N MET B 227 -3.34 -19.53 20.07
CA MET B 227 -2.69 -18.50 20.86
C MET B 227 -2.81 -18.79 22.36
N SER B 228 -1.70 -18.60 23.09
CA SER B 228 -1.69 -18.83 24.54
C SER B 228 -2.35 -17.66 25.29
N THR B 229 -2.83 -17.91 26.53
CA THR B 229 -3.41 -16.83 27.34
C THR B 229 -2.33 -15.80 27.69
N ASP B 230 -1.10 -16.23 27.93
CA ASP B 230 0.01 -15.32 28.20
C ASP B 230 0.23 -14.38 26.98
N CYS B 231 0.16 -14.91 25.75
CA CYS B 231 0.33 -14.10 24.55
C CYS B 231 -0.79 -13.10 24.41
N GLU B 232 -2.03 -13.54 24.59
CA GLU B 232 -3.17 -12.63 24.49
C GLU B 232 -3.15 -11.54 25.59
N ASN B 233 -2.66 -11.87 26.80
CA ASN B 233 -2.52 -10.89 27.89
C ASN B 233 -1.49 -9.83 27.51
N LEU B 234 -0.42 -10.22 26.81
CA LEU B 234 0.60 -9.27 26.36
C LEU B 234 0.05 -8.39 25.24
N LEU B 235 -0.68 -8.97 24.25
CA LEU B 235 -1.28 -8.19 23.17
C LEU B 235 -2.19 -7.06 23.71
N LYS B 236 -2.93 -7.35 24.78
CA LYS B 236 -3.82 -6.39 25.43
C LYS B 236 -3.08 -5.24 26.10
N LYS B 237 -1.77 -5.37 26.36
CA LYS B 237 -0.94 -4.29 26.90
C LYS B 237 -0.49 -3.30 25.81
N PHE B 238 -0.49 -3.74 24.53
CA PHE B 238 -0.10 -2.89 23.41
C PHE B 238 -1.33 -2.27 22.73
N LEU B 239 -2.32 -3.10 22.40
CA LEU B 239 -3.48 -2.68 21.65
C LEU B 239 -4.59 -2.07 22.50
N ILE B 240 -4.29 -0.92 23.12
CA ILE B 240 -5.20 -0.16 23.95
C ILE B 240 -5.62 1.08 23.19
N LEU B 241 -6.92 1.29 23.03
CA LEU B 241 -7.43 2.40 22.23
C LEU B 241 -6.96 3.78 22.71
N ASN B 242 -7.01 4.02 24.02
CA ASN B 242 -6.57 5.29 24.60
C ASN B 242 -5.04 5.32 24.69
N PRO B 243 -4.38 6.26 23.98
CA PRO B 243 -2.91 6.30 24.01
C PRO B 243 -2.29 6.54 25.38
N SER B 244 -3.01 7.28 26.24
CA SER B 244 -2.53 7.56 27.60
C SER B 244 -2.62 6.32 28.51
N LYS B 245 -3.46 5.33 28.17
CA LYS B 245 -3.56 4.11 28.95
C LYS B 245 -2.59 2.99 28.50
N ARG B 246 -1.81 3.23 27.44
CA ARG B 246 -0.84 2.25 26.95
C ARG B 246 0.39 2.29 27.83
N GLY B 247 0.90 1.12 28.16
CA GLY B 247 2.10 1.02 28.98
C GLY B 247 3.35 1.41 28.22
N THR B 248 4.40 1.83 28.94
CA THR B 248 5.68 2.13 28.31
C THR B 248 6.35 0.79 27.95
N LEU B 249 7.35 0.83 27.06
CA LEU B 249 8.06 -0.39 26.71
C LEU B 249 8.85 -0.94 27.89
N GLU B 250 9.33 -0.07 28.79
CA GLU B 250 10.06 -0.49 30.00
C GLU B 250 9.13 -1.32 30.91
N GLN B 251 7.85 -0.95 30.99
CA GLN B 251 6.88 -1.72 31.80
C GLN B 251 6.51 -3.02 31.11
N ILE B 252 6.33 -2.97 29.78
CA ILE B 252 5.99 -4.14 28.98
C ILE B 252 7.12 -5.17 29.01
N MET B 253 8.39 -4.72 29.12
CA MET B 253 9.54 -5.62 29.22
C MET B 253 9.41 -6.60 30.39
N LYS B 254 8.68 -6.22 31.45
CA LYS B 254 8.46 -7.08 32.64
C LYS B 254 7.38 -8.15 32.42
N ASP B 255 6.62 -8.10 31.32
CA ASP B 255 5.56 -9.05 31.03
C ASP B 255 6.04 -10.49 31.07
N ARG B 256 5.17 -11.39 31.55
CA ARG B 256 5.42 -12.83 31.67
C ARG B 256 5.76 -13.51 30.32
N TRP B 257 4.95 -13.31 29.27
CA TRP B 257 5.22 -13.93 27.97
C TRP B 257 6.60 -13.51 27.44
N MET B 258 6.95 -12.23 27.57
CA MET B 258 8.24 -11.70 27.14
C MET B 258 9.43 -12.48 27.72
N ASN B 259 9.24 -13.05 28.93
CA ASN B 259 10.33 -13.69 29.68
C ASN B 259 10.22 -15.22 29.92
N VAL B 260 9.43 -15.94 29.13
CA VAL B 260 9.34 -17.41 29.22
C VAL B 260 10.62 -17.98 28.67
N GLY B 261 11.29 -18.82 29.46
CA GLY B 261 12.57 -19.39 29.10
C GLY B 261 13.74 -18.46 29.41
N HIS B 262 13.48 -17.35 30.14
CA HIS B 262 14.46 -16.35 30.53
C HIS B 262 14.26 -16.07 32.01
N GLU B 263 14.28 -17.14 32.80
CA GLU B 263 14.09 -17.14 34.25
C GLU B 263 15.05 -16.16 34.94
N ASP B 264 16.31 -16.13 34.47
CA ASP B 264 17.28 -15.19 35.03
C ASP B 264 17.47 -14.00 34.10
N ASP B 265 17.55 -14.28 32.79
CA ASP B 265 17.73 -13.27 31.75
C ASP B 265 16.43 -12.44 31.48
N GLU B 266 15.95 -11.70 32.48
CA GLU B 266 14.77 -10.87 32.29
C GLU B 266 15.11 -9.73 31.35
N LEU B 267 14.19 -9.41 30.42
CA LEU B 267 14.38 -8.34 29.45
C LEU B 267 14.37 -7.02 30.19
N LYS B 268 15.38 -6.23 29.94
CA LYS B 268 15.51 -4.92 30.57
C LYS B 268 16.10 -3.92 29.56
N PRO B 269 15.95 -2.60 29.81
CA PRO B 269 16.47 -1.61 28.86
C PRO B 269 17.94 -1.82 28.47
N TYR B 270 18.23 -1.72 27.17
CA TYR B 270 19.58 -1.90 26.65
C TYR B 270 20.52 -0.86 27.24
N VAL B 271 21.69 -1.29 27.68
CA VAL B 271 22.69 -0.36 28.19
C VAL B 271 23.77 -0.30 27.11
N GLU B 272 23.84 0.84 26.43
CA GLU B 272 24.82 1.03 25.36
C GLU B 272 26.25 0.93 25.91
N PRO B 273 27.09 0.05 25.32
CA PRO B 273 28.46 -0.09 25.83
C PRO B 273 29.24 1.22 25.71
N LEU B 274 30.19 1.43 26.64
CA LEU B 274 31.02 2.64 26.65
C LEU B 274 31.93 2.66 25.44
N PRO B 275 32.17 3.84 24.87
CA PRO B 275 33.00 3.90 23.67
C PRO B 275 34.42 3.40 23.88
N ASP B 276 34.95 2.68 22.89
CA ASP B 276 36.31 2.18 22.89
C ASP B 276 36.96 2.66 21.58
N TYR B 277 37.53 3.86 21.59
CA TYR B 277 38.18 4.42 20.41
C TYR B 277 39.69 4.13 20.34
N LYS B 278 40.24 3.41 21.32
CA LYS B 278 41.68 3.15 21.38
C LYS B 278 42.04 1.67 21.37
N ASP B 279 41.26 0.83 20.66
CA ASP B 279 41.54 -0.60 20.55
C ASP B 279 42.91 -0.80 19.89
N PRO B 280 43.90 -1.31 20.65
CA PRO B 280 45.24 -1.44 20.07
C PRO B 280 45.30 -2.41 18.91
N ARG B 281 44.48 -3.47 18.95
CA ARG B 281 44.38 -4.48 17.89
C ARG B 281 44.00 -3.86 16.52
N ARG B 282 43.01 -2.93 16.47
CA ARG B 282 42.56 -2.22 15.25
C ARG B 282 43.44 -1.02 14.94
N THR B 283 43.88 -0.29 15.98
CA THR B 283 44.76 0.87 15.77
C THR B 283 46.10 0.42 15.17
N GLU B 284 46.62 -0.77 15.59
CA GLU B 284 47.86 -1.39 15.09
C GLU B 284 47.72 -1.57 13.57
N LEU B 285 46.62 -2.22 13.12
CA LEU B 285 46.35 -2.51 11.71
C LEU B 285 46.26 -1.22 10.92
N MET B 286 45.49 -0.23 11.43
CA MET B 286 45.32 1.04 10.71
C MET B 286 46.58 1.87 10.61
N VAL B 287 47.44 1.87 11.67
CA VAL B 287 48.73 2.58 11.62
C VAL B 287 49.62 1.90 10.59
N SER B 288 49.62 0.55 10.53
CA SER B 288 50.39 -0.20 9.50
C SER B 288 49.96 0.16 8.08
N MET B 289 48.66 0.45 7.90
CA MET B 289 48.11 0.89 6.61
C MET B 289 48.58 2.31 6.23
N GLY B 290 48.96 3.12 7.20
CA GLY B 290 49.36 4.49 6.95
C GLY B 290 48.51 5.57 7.64
N TYR B 291 47.58 5.14 8.50
CA TYR B 291 46.71 6.07 9.25
C TYR B 291 47.44 6.61 10.50
N THR B 292 47.20 7.88 10.91
CA THR B 292 47.81 8.40 12.14
C THR B 292 46.88 8.16 13.35
N ARG B 293 47.44 8.05 14.57
CA ARG B 293 46.66 7.85 15.79
C ARG B 293 45.73 9.01 16.09
N GLU B 294 46.18 10.23 15.78
CA GLU B 294 45.41 11.45 15.97
C GLU B 294 44.26 11.50 14.98
N GLU B 295 44.46 11.01 13.73
CA GLU B 295 43.42 10.95 12.70
C GLU B 295 42.28 10.05 13.24
N ILE B 296 42.68 8.86 13.72
CA ILE B 296 41.74 7.88 14.24
C ILE B 296 40.94 8.44 15.41
N GLN B 297 41.63 9.07 16.38
CA GLN B 297 40.97 9.64 17.55
C GLN B 297 39.99 10.77 17.20
N ASP B 298 40.40 11.74 16.39
CA ASP B 298 39.54 12.86 16.03
C ASP B 298 38.27 12.41 15.28
N SER B 299 38.41 11.46 14.33
CA SER B 299 37.24 10.94 13.59
C SER B 299 36.23 10.20 14.48
N LEU B 300 36.72 9.39 15.43
CA LEU B 300 35.85 8.67 16.36
C LEU B 300 35.25 9.58 17.45
N VAL B 301 36.04 10.45 18.13
CA VAL B 301 35.45 11.33 19.16
C VAL B 301 34.46 12.32 18.51
N GLY B 302 34.77 12.80 17.31
CA GLY B 302 33.88 13.68 16.59
C GLY B 302 32.72 12.98 15.88
N GLN B 303 32.71 11.62 15.89
CA GLN B 303 31.74 10.74 15.22
C GLN B 303 31.55 11.19 13.78
N ARG B 304 32.64 11.34 13.03
CA ARG B 304 32.65 11.88 11.66
C ARG B 304 32.05 10.99 10.57
N TYR B 305 32.00 9.68 10.78
CA TYR B 305 31.51 8.74 9.76
C TYR B 305 32.20 8.91 8.40
N ASN B 306 33.50 9.25 8.47
CA ASN B 306 34.38 9.40 7.34
C ASN B 306 35.04 8.05 7.07
N GLU B 307 36.00 8.01 6.15
CA GLU B 307 36.68 6.78 5.76
C GLU B 307 37.44 6.12 6.90
N VAL B 308 38.10 6.96 7.74
CA VAL B 308 38.89 6.46 8.87
C VAL B 308 37.96 5.83 9.89
N MET B 309 36.84 6.50 10.20
CA MET B 309 35.86 5.94 11.11
C MET B 309 35.23 4.62 10.58
N ALA B 310 34.86 4.58 9.29
CA ALA B 310 34.29 3.38 8.67
C ALA B 310 35.26 2.19 8.77
N THR B 311 36.56 2.46 8.55
CA THR B 311 37.62 1.46 8.59
C THR B 311 37.72 0.86 10.00
N TYR B 312 37.69 1.71 11.01
CA TYR B 312 37.78 1.27 12.40
C TYR B 312 36.58 0.41 12.80
N LEU B 313 35.37 0.87 12.44
CA LEU B 313 34.12 0.17 12.73
C LEU B 313 34.07 -1.20 12.02
N LEU B 314 34.39 -1.24 10.71
CA LEU B 314 34.34 -2.49 9.96
C LEU B 314 35.35 -3.53 10.43
N LEU B 315 36.50 -3.06 10.95
CA LEU B 315 37.51 -3.93 11.55
C LEU B 315 37.02 -4.60 12.84
N GLY B 316 35.97 -4.08 13.45
CA GLY B 316 35.39 -4.65 14.68
C GLY B 316 34.51 -5.86 14.48
N TYR B 317 34.54 -6.47 13.29
CA TYR B 317 33.76 -7.69 13.01
C TYR B 317 34.69 -8.85 12.65
C1 PEG C . -18.06 11.83 -23.28
O1 PEG C . -16.93 12.19 -24.06
C2 PEG C . -17.94 10.45 -22.74
O2 PEG C . -18.87 10.27 -21.66
C3 PEG C . -19.38 8.94 -21.47
C4 PEG C . -20.79 8.87 -21.96
O4 PEG C . -21.15 7.58 -22.46
H11 PEG C . -18.95 11.92 -23.91
H12 PEG C . -18.13 12.56 -22.46
HO1 PEG C . -17.15 13.03 -24.50
H21 PEG C . -16.92 10.30 -22.34
H22 PEG C . -18.12 9.73 -23.54
H31 PEG C . -19.36 8.71 -20.40
H32 PEG C . -18.76 8.19 -22.00
H41 PEG C . -20.94 9.57 -22.79
H42 PEG C . -21.49 9.12 -21.15
HO4 PEG C . -21.04 6.96 -21.71
C1 PEG D . -1.49 -19.10 -16.94
O1 PEG D . -1.65 -19.61 -18.25
C2 PEG D . -1.85 -20.14 -15.93
O2 PEG D . -2.99 -19.69 -15.21
C3 PEG D . -3.99 -20.69 -14.96
C4 PEG D . -4.98 -20.64 -16.09
O4 PEG D . -5.89 -21.73 -16.09
H11 PEG D . -2.13 -18.23 -16.81
H12 PEG D . -0.43 -18.82 -16.81
HO1 PEG D . -1.31 -18.90 -18.83
H21 PEG D . -1.05 -20.30 -15.21
H22 PEG D . -2.06 -21.08 -16.46
H31 PEG D . -4.48 -20.49 -14.01
H32 PEG D . -3.52 -21.68 -14.93
H41 PEG D . -4.43 -20.58 -17.01
H42 PEG D . -5.58 -19.74 -15.98
HO4 PEG D . -5.53 -22.46 -16.64
C4 SJ0 E . -10.38 -7.47 -13.82
N3 SJ0 E . -7.35 -3.56 -9.61
C2 SJ0 E . -9.69 -7.25 -15.05
N1 SJ0 E . -9.66 -6.67 -17.28
C7 SJ0 E . -12.01 -6.75 -11.28
C6 SJ0 E . -12.49 -7.35 -12.48
C5 SJ0 E . -11.75 -7.27 -13.77
N5 SJ0 E . -16.62 -9.41 -10.95
C16 SJ0 E . -15.63 -8.81 -11.04
C15 SJ0 E . -14.40 -8.07 -11.18
N4 SJ0 E . -13.99 -7.48 -10.04
C14 SJ0 E . -12.81 -6.85 -10.08
O1 SJ0 E . -10.78 -6.09 -11.33
C8 SJ0 E . -10.39 -5.18 -10.32
C9 SJ0 E . -9.27 -4.33 -10.92
C13 SJ0 E . -8.00 -5.15 -11.28
C12 SJ0 E . -7.09 -4.97 -10.06
C11 SJ0 E . -6.98 -3.31 -8.19
C10 SJ0 E . -8.78 -3.25 -9.93
C17 SJ0 E . -13.72 -8.04 -12.40
C18 SJ0 E . -12.46 -6.88 -14.95
C19 SJ0 E . -11.80 -6.69 -16.13
N2 SJ0 E . -10.43 -6.87 -16.19
C3 SJ0 E . -8.34 -7.29 -15.47
C1 SJ0 E . -8.37 -6.92 -16.84
N SJ0 E . -7.34 -6.80 -17.80
C SJ0 E . -5.96 -7.09 -17.65
O SJ0 E . -5.45 -7.54 -16.63
C20 SJ0 E . -5.14 -6.81 -18.89
C22 SJ0 E . -3.99 -7.75 -19.24
C21 SJ0 E . -3.71 -6.37 -18.69
H3 SJ0 E . -9.80 -7.79 -12.95
H15 SJ0 E . -12.52 -6.43 -9.12
H4 SJ0 E . -10.05 -5.72 -9.42
H5 SJ0 E . -11.20 -4.54 -10.01
H SJ0 E . -9.66 -3.86 -11.81
H13 SJ0 E . -8.22 -6.20 -11.47
H14 SJ0 E . -7.50 -4.79 -12.18
H11 SJ0 E . -7.28 -5.74 -9.30
H12 SJ0 E . -6.03 -5.05 -10.30
H8 SJ0 E . -7.40 -4.09 -7.57
H10 SJ0 E . -7.43 -2.38 -7.88
H9 SJ0 E . -5.92 -3.25 -7.96
H6 SJ0 E . -9.44 -3.18 -9.07
H7 SJ0 E . -8.79 -2.25 -10.37
H16 SJ0 E . -14.13 -8.54 -13.28
H17 SJ0 E . -13.53 -6.74 -14.94
H18 SJ0 E . -12.30 -6.40 -17.06
H2 SJ0 E . -7.50 -7.56 -14.85
H1 SJ0 E . -7.67 -6.48 -18.70
H19 SJ0 E . -5.72 -6.36 -19.70
H22 SJ0 E . -3.83 -8.64 -18.63
H23 SJ0 E . -3.77 -7.98 -20.28
H20 SJ0 E . -3.32 -6.24 -17.68
H21 SJ0 E . -3.28 -5.60 -19.34
S SO4 F . -31.81 -20.92 -14.40
O1 SO4 F . -32.31 -19.57 -14.67
O2 SO4 F . -30.51 -21.12 -15.04
O3 SO4 F . -31.76 -21.12 -12.95
O4 SO4 F . -32.75 -21.90 -15.00
C1 PEG G . 34.42 22.88 1.62
O1 PEG G . 34.12 22.53 2.96
C2 PEG G . 33.52 22.20 0.64
O2 PEG G . 33.48 22.94 -0.60
C3 PEG G . 32.34 23.77 -0.83
C4 PEG G . 31.23 23.03 -1.55
O4 PEG G . 30.08 23.85 -1.77
H11 PEG G . 35.47 22.60 1.44
H12 PEG G . 34.32 23.96 1.54
HO1 PEG G . 34.82 22.90 3.52
H21 PEG G . 32.51 22.11 1.07
H22 PEG G . 33.90 21.20 0.42
H31 PEG G . 32.65 24.62 -1.45
H32 PEG G . 31.96 24.15 0.12
H41 PEG G . 30.90 22.17 -0.96
H42 PEG G . 31.58 22.67 -2.53
HO4 PEG G . 29.47 23.34 -2.34
C4 SJ0 H . 18.51 -2.30 3.15
N3 SJ0 H . 12.02 -2.07 3.43
C2 SJ0 H . 18.82 -3.67 3.08
N1 SJ0 H . 19.90 -5.55 3.88
C7 SJ0 H . 17.33 0.33 4.29
C6 SJ0 H . 18.67 -0.11 4.34
C5 SJ0 H . 19.06 -1.53 4.17
N5 SJ0 H . 21.05 4.06 4.99
C16 SJ0 H . 20.27 3.22 4.86
C15 SJ0 H . 19.29 2.20 4.70
N4 SJ0 H . 18.02 2.63 4.65
C14 SJ0 H . 17.06 1.72 4.45
O1 SJ0 H . 16.35 -0.64 4.03
C8 SJ0 H . 14.97 -0.36 4.27
C9 SJ0 H . 14.27 -1.72 4.31
C13 SJ0 H . 14.32 -2.48 2.96
C12 SJ0 H . 12.98 -2.13 2.30
C11 SJ0 H . 10.79 -1.28 3.12
C10 SJ0 H . 12.76 -1.58 4.63
C17 SJ0 H . 19.68 0.88 4.55
C18 SJ0 H . 19.96 -2.13 5.11
C19 SJ0 H . 20.29 -3.44 5.02
N2 SJ0 H . 19.71 -4.22 4.03
C3 SJ0 H . 18.41 -4.75 2.27
C1 SJ0 H . 19.09 -5.88 2.79
N SJ0 H . 19.07 -7.24 2.40
C SJ0 H . 18.42 -7.84 1.30
O SJ0 H . 17.78 -7.23 0.45
C20 SJ0 H . 18.60 -9.34 1.24
C22 SJ0 H . 18.75 -10.00 -0.12
C21 SJ0 H . 17.46 -10.16 0.65
H3 SJ0 H . 17.84 -1.88 2.39
H15 SJ0 H . 16.06 2.14 4.40
H4 SJ0 H . 14.54 0.28 3.49
H5 SJ0 H . 14.81 0.15 5.21
H SJ0 H . 14.77 -2.31 5.08
H13 SJ0 H . 15.17 -2.19 2.35
H14 SJ0 H . 14.44 -3.55 3.09
H11 SJ0 H . 13.07 -1.23 1.70
H12 SJ0 H . 12.66 -2.91 1.60
H8 SJ0 H . 11.09 -0.33 2.67
H10 SJ0 H . 10.26 -1.05 4.03
H9 SJ0 H . 10.08 -1.75 2.44
H6 SJ0 H . 12.51 -0.56 4.94
H7 SJ0 H . 12.44 -2.20 5.47
H16 SJ0 H . 20.74 0.60 4.58
H17 SJ0 H . 20.40 -1.54 5.91
H18 SJ0 H . 20.99 -3.93 5.70
H2 SJ0 H . 17.72 -4.69 1.43
H1 SJ0 H . 19.61 -7.83 3.04
H19 SJ0 H . 19.14 -9.75 2.09
H22 SJ0 H . 18.80 -9.38 -1.01
H23 SJ0 H . 19.42 -10.86 -0.25
H20 SJ0 H . 16.55 -9.65 0.32
H21 SJ0 H . 17.20 -11.12 1.09
#